data_7PHE
#
_entry.id   7PHE
#
_cell.length_a   58.800
_cell.length_b   110.400
_cell.length_c   64.210
_cell.angle_alpha   90.000
_cell.angle_beta   108.648
_cell.angle_gamma   90.000
#
_symmetry.space_group_name_H-M   'P 1 21 1'
#
loop_
_entity.id
_entity.type
_entity.pdbx_description
1 polymer 'Carminomycin 4-O-methyltransferase DnrK,Methyltransferase domain-containing protein,Aclacinomycin 10-hydroxylase RdmB'
2 non-polymer 'methyl (1R,2R,4S)-2-ethyl-2,4,5,7-tetrahydroxy-6,11-dioxo-1,2,3,4,6,11-hexahydrotetracene-1-carboxylate'
3 water water
#
_entity_poly.entity_id   1
_entity_poly.type   'polypeptide(L)'
_entity_poly.pdbx_seq_one_letter_code
;MAHHHHHHHRSTAEPTVAARPQQIDALRTLIRLGSLHTPMVVRTAATLRLVDHILAGARTVKALAARTDTRPEALLRLIR
HLVAIGLLEEDAPGEFVPTEVGELLADDHPAAQRAWHDLTQAVARADISFTRLPDAIRTGRPTYESIYGKPFYEDLAGRP
DLRASFDSLMTTREDTAFAAPAAAYDWTNVRHVLDVGGAPGGFAAAIARRAPHVSATVLEMAGTVDTARSYLKDEGLSDR
VDVVEGDFFEPLPRKADAIILSFVLLNWPDHDAVRILTRCAEALEPGGRILIHERADVEGDGADRFFSTLLDLRMLVFLG
GALRTREKWDGLAASAGLVVEEVRGPLVSPNVPLDSCLLVLAPAATGA
;
_entity_poly.pdbx_strand_id   A,B
#
# COMPACT_ATOMS: atom_id res chain seq x y z
N ILE A 24 -22.18 -2.51 -4.50
CA ILE A 24 -22.23 -2.66 -3.05
C ILE A 24 -21.16 -1.77 -2.42
N ASP A 25 -21.55 -1.05 -1.36
CA ASP A 25 -20.63 -0.13 -0.71
C ASP A 25 -19.53 -0.86 0.05
N ALA A 26 -19.82 -2.07 0.54
CA ALA A 26 -18.81 -2.84 1.26
C ALA A 26 -17.73 -3.35 0.31
N LEU A 27 -18.10 -3.67 -0.92
CA LEU A 27 -17.11 -4.14 -1.89
C LEU A 27 -16.10 -3.05 -2.23
N ARG A 28 -16.58 -1.81 -2.37
CA ARG A 28 -15.67 -0.70 -2.66
C ARG A 28 -14.88 -0.29 -1.42
N THR A 29 -15.46 -0.45 -0.23
CA THR A 29 -14.74 -0.12 1.00
C THR A 29 -13.58 -1.08 1.23
N LEU A 30 -13.80 -2.37 0.98
CA LEU A 30 -12.73 -3.35 1.19
C LEU A 30 -11.63 -3.20 0.15
N ILE A 31 -11.99 -2.94 -1.11
CA ILE A 31 -10.99 -2.83 -2.17
C ILE A 31 -10.14 -1.58 -1.97
N ARG A 32 -10.76 -0.49 -1.49
CA ARG A 32 -10.00 0.74 -1.25
C ARG A 32 -8.99 0.54 -0.11
N LEU A 33 -9.39 -0.13 0.97
CA LEU A 33 -8.49 -0.34 2.08
C LEU A 33 -7.31 -1.23 1.71
N GLY A 34 -7.55 -2.25 0.89
CA GLY A 34 -6.52 -3.17 0.49
C GLY A 34 -5.75 -2.80 -0.76
N SER A 35 -5.85 -1.56 -1.23
CA SER A 35 -5.24 -1.17 -2.49
C SER A 35 -3.82 -0.67 -2.27
N LEU A 36 -2.90 -1.12 -3.12
CA LEU A 36 -1.52 -0.68 -3.08
C LEU A 36 -1.21 0.44 -4.07
N HIS A 37 -2.10 0.71 -5.02
CA HIS A 37 -1.79 1.72 -6.02
C HIS A 37 -1.90 3.13 -5.47
N THR A 38 -2.79 3.37 -4.50
CA THR A 38 -2.90 4.71 -3.92
C THR A 38 -1.66 5.10 -3.13
N PRO A 39 -1.16 4.31 -2.17
CA PRO A 39 0.03 4.76 -1.43
C PRO A 39 1.28 4.80 -2.28
N MET A 40 1.39 3.92 -3.29
CA MET A 40 2.55 3.96 -4.17
C MET A 40 2.50 5.14 -5.13
N VAL A 41 1.31 5.68 -5.41
CA VAL A 41 1.22 6.88 -6.23
C VAL A 41 1.69 8.10 -5.44
N VAL A 42 1.38 8.13 -4.14
CA VAL A 42 1.84 9.22 -3.30
C VAL A 42 3.35 9.19 -3.14
N ARG A 43 3.92 7.98 -2.97
CA ARG A 43 5.36 7.87 -2.79
C ARG A 43 6.11 8.18 -4.08
N THR A 44 5.56 7.79 -5.24
CA THR A 44 6.17 8.14 -6.51
C THR A 44 6.14 9.65 -6.73
N ALA A 45 5.01 10.30 -6.42
CA ALA A 45 4.94 11.75 -6.53
C ALA A 45 5.95 12.42 -5.61
N ALA A 46 6.12 11.90 -4.40
CA ALA A 46 7.12 12.44 -3.49
C ALA A 46 8.53 12.18 -3.99
N THR A 47 8.79 10.97 -4.50
CA THR A 47 10.12 10.62 -4.98
C THR A 47 10.51 11.45 -6.21
N LEU A 48 9.55 11.77 -7.06
CA LEU A 48 9.80 12.57 -8.26
C LEU A 48 9.86 14.07 -7.97
N ARG A 49 9.66 14.49 -6.73
CA ARG A 49 9.61 15.91 -6.36
C ARG A 49 8.58 16.65 -7.22
N LEU A 50 7.42 16.01 -7.43
CA LEU A 50 6.43 16.50 -8.36
C LEU A 50 5.88 17.86 -7.92
N VAL A 51 5.54 17.98 -6.64
CA VAL A 51 4.94 19.23 -6.16
C VAL A 51 5.94 20.37 -6.22
N ASP A 52 7.21 20.09 -5.90
CA ASP A 52 8.23 21.14 -5.96
C ASP A 52 8.38 21.69 -7.37
N HIS A 53 8.33 20.82 -8.38
CA HIS A 53 8.45 21.26 -9.76
C HIS A 53 7.24 22.07 -10.20
N ILE A 54 6.06 21.77 -9.65
CA ILE A 54 4.87 22.55 -9.99
C ILE A 54 4.99 23.96 -9.42
N LEU A 55 5.39 24.07 -8.15
CA LEU A 55 5.55 25.38 -7.51
C LEU A 55 6.70 26.18 -8.10
N ALA A 56 7.56 25.58 -8.92
CA ALA A 56 8.69 26.26 -9.52
C ALA A 56 8.47 26.63 -10.98
N GLY A 57 7.23 26.52 -11.47
CA GLY A 57 6.86 26.97 -12.81
C GLY A 57 6.25 25.91 -13.68
N ALA A 58 6.62 24.64 -13.47
CA ALA A 58 6.20 23.56 -14.36
C ALA A 58 4.78 23.14 -14.02
N ARG A 59 3.81 23.62 -14.78
CA ARG A 59 2.41 23.26 -14.57
C ARG A 59 1.84 22.33 -15.64
N THR A 60 2.35 22.38 -16.85
CA THR A 60 1.90 21.46 -17.89
C THR A 60 2.58 20.10 -17.74
N VAL A 61 2.00 19.09 -18.37
CA VAL A 61 2.55 17.74 -18.27
C VAL A 61 3.90 17.66 -18.99
N LYS A 62 4.01 18.30 -20.16
CA LYS A 62 5.27 18.27 -20.89
C LYS A 62 6.40 18.95 -20.11
N ALA A 63 6.08 20.00 -19.35
CA ALA A 63 7.11 20.62 -18.51
C ALA A 63 7.47 19.74 -17.32
N LEU A 64 6.46 19.13 -16.69
CA LEU A 64 6.72 18.26 -15.55
C LEU A 64 7.48 17.01 -15.94
N ALA A 65 7.15 16.45 -17.11
CA ALA A 65 7.88 15.26 -17.57
C ALA A 65 9.33 15.58 -17.87
N ALA A 66 9.60 16.80 -18.37
CA ALA A 66 10.99 17.19 -18.61
C ALA A 66 11.75 17.36 -17.31
N ARG A 67 11.13 17.98 -16.31
CA ARG A 67 11.79 18.26 -15.05
C ARG A 67 11.95 17.02 -14.17
N THR A 68 11.10 16.01 -14.35
CA THR A 68 11.20 14.77 -13.59
C THR A 68 11.87 13.64 -14.36
N ASP A 69 12.13 13.83 -15.66
CA ASP A 69 12.74 12.81 -16.52
C ASP A 69 11.88 11.55 -16.55
N THR A 70 10.60 11.73 -16.90
CA THR A 70 9.64 10.65 -16.98
C THR A 70 8.98 10.68 -18.36
N ARG A 71 8.28 9.60 -18.68
CA ARG A 71 7.54 9.51 -19.93
C ARG A 71 6.23 10.27 -19.80
N PRO A 72 5.91 11.19 -20.71
CA PRO A 72 4.75 12.07 -20.50
C PRO A 72 3.42 11.35 -20.37
N GLU A 73 3.17 10.34 -21.22
CA GLU A 73 1.89 9.64 -21.15
C GLU A 73 1.74 8.90 -19.82
N ALA A 74 2.85 8.34 -19.31
CA ALA A 74 2.80 7.68 -18.02
C ALA A 74 2.59 8.68 -16.89
N LEU A 75 3.23 9.85 -16.98
CA LEU A 75 3.08 10.86 -15.95
C LEU A 75 1.64 11.31 -15.82
N LEU A 76 0.95 11.51 -16.95
CA LEU A 76 -0.44 11.94 -16.92
C LEU A 76 -1.33 10.90 -16.22
N ARG A 77 -1.04 9.61 -16.42
CA ARG A 77 -1.82 8.58 -15.73
C ARG A 77 -1.61 8.66 -14.22
N LEU A 78 -0.38 8.98 -13.79
CA LEU A 78 -0.13 9.17 -12.37
C LEU A 78 -0.81 10.43 -11.85
N ILE A 79 -0.84 11.48 -12.67
CA ILE A 79 -1.53 12.70 -12.28
C ILE A 79 -3.03 12.45 -12.12
N ARG A 80 -3.60 11.58 -12.97
CA ARG A 80 -5.03 11.30 -12.91
C ARG A 80 -5.43 10.72 -11.57
N HIS A 81 -4.61 9.83 -11.02
CA HIS A 81 -4.90 9.31 -9.68
C HIS A 81 -4.71 10.39 -8.62
N LEU A 82 -3.71 11.25 -8.81
CA LEU A 82 -3.40 12.27 -7.80
C LEU A 82 -4.51 13.31 -7.69
N VAL A 83 -5.22 13.60 -8.78
CA VAL A 83 -6.34 14.54 -8.68
C VAL A 83 -7.57 13.83 -8.12
N ALA A 84 -7.72 12.53 -8.38
CA ALA A 84 -8.85 11.80 -7.84
C ALA A 84 -8.80 11.70 -6.33
N ILE A 85 -7.60 11.56 -5.76
CA ILE A 85 -7.45 11.38 -4.32
C ILE A 85 -7.25 12.73 -3.66
N GLY A 86 -7.34 13.80 -4.45
CA GLY A 86 -7.34 15.14 -3.89
C GLY A 86 -5.99 15.70 -3.52
N LEU A 87 -4.91 15.21 -4.12
CA LEU A 87 -3.60 15.80 -3.89
C LEU A 87 -3.26 16.88 -4.90
N LEU A 88 -3.79 16.76 -6.11
CA LEU A 88 -3.61 17.76 -7.15
C LEU A 88 -4.97 18.23 -7.65
N GLU A 89 -4.97 19.39 -8.31
CA GLU A 89 -6.18 19.96 -8.88
C GLU A 89 -5.87 20.57 -10.24
N GLU A 90 -6.80 20.41 -11.18
CA GLU A 90 -6.62 20.95 -12.54
C GLU A 90 -7.28 22.32 -12.63
N ASP A 91 -6.56 23.31 -12.11
CA ASP A 91 -6.88 24.71 -12.37
C ASP A 91 -6.37 25.08 -13.76
N ALA A 92 -7.28 25.51 -14.64
CA ALA A 92 -7.02 25.77 -16.06
C ALA A 92 -6.82 24.44 -16.79
N PRO A 93 -7.18 24.38 -18.07
CA PRO A 93 -7.01 23.12 -18.83
C PRO A 93 -5.53 22.76 -18.94
N GLY A 94 -5.22 21.51 -18.61
CA GLY A 94 -3.87 20.99 -18.78
C GLY A 94 -2.85 21.47 -17.79
N GLU A 95 -3.27 22.25 -16.78
CA GLU A 95 -2.36 22.78 -15.78
C GLU A 95 -2.81 22.29 -14.41
N PHE A 96 -1.88 21.76 -13.62
CA PHE A 96 -2.21 21.14 -12.35
C PHE A 96 -1.51 21.87 -11.20
N VAL A 97 -2.20 21.98 -10.08
CA VAL A 97 -1.74 22.73 -8.91
C VAL A 97 -2.00 21.87 -7.68
N PRO A 98 -1.11 21.86 -6.69
CA PRO A 98 -1.35 21.05 -5.49
C PRO A 98 -2.48 21.61 -4.63
N THR A 99 -3.22 20.70 -4.01
CA THR A 99 -4.26 21.09 -3.06
C THR A 99 -3.61 21.50 -1.73
N GLU A 100 -4.46 21.83 -0.76
CA GLU A 100 -3.95 22.10 0.59
C GLU A 100 -3.25 20.87 1.17
N VAL A 101 -3.84 19.69 0.94
CA VAL A 101 -3.17 18.45 1.37
C VAL A 101 -1.95 18.17 0.52
N GLY A 102 -2.02 18.48 -0.78
CA GLY A 102 -0.91 18.21 -1.67
C GLY A 102 0.29 19.11 -1.42
N GLU A 103 0.06 20.30 -0.86
CA GLU A 103 1.16 21.21 -0.56
C GLU A 103 2.09 20.66 0.51
N LEU A 104 1.67 19.63 1.24
CA LEU A 104 2.53 19.02 2.25
C LEU A 104 3.65 18.19 1.65
N LEU A 105 3.62 17.95 0.34
CA LEU A 105 4.71 17.26 -0.34
C LEU A 105 5.77 18.22 -0.86
N ALA A 106 5.64 19.52 -0.59
CA ALA A 106 6.73 20.44 -0.86
C ALA A 106 7.90 20.13 0.07
N ASP A 107 9.12 20.25 -0.46
CA ASP A 107 10.29 19.80 0.30
C ASP A 107 10.57 20.68 1.51
N ASP A 108 10.20 21.96 1.44
CA ASP A 108 10.47 22.87 2.56
C ASP A 108 9.42 22.81 3.65
N HIS A 109 8.34 22.04 3.45
CA HIS A 109 7.27 21.99 4.44
C HIS A 109 7.82 21.48 5.78
N PRO A 110 7.42 22.09 6.90
CA PRO A 110 8.01 21.71 8.19
C PRO A 110 7.73 20.27 8.62
N ALA A 111 6.65 19.66 8.12
CA ALA A 111 6.37 18.28 8.51
C ALA A 111 7.29 17.29 7.80
N ALA A 112 7.97 17.72 6.74
CA ALA A 112 8.96 16.90 6.02
C ALA A 112 8.33 15.62 5.45
N GLN A 113 7.06 15.68 5.06
CA GLN A 113 6.39 14.48 4.57
C GLN A 113 6.88 14.03 3.21
N ARG A 114 7.46 14.94 2.40
CA ARG A 114 8.04 14.52 1.14
C ARG A 114 9.23 13.60 1.36
N ALA A 115 10.11 13.96 2.31
CA ALA A 115 11.25 13.10 2.62
C ALA A 115 10.81 11.78 3.22
N TRP A 116 9.73 11.80 4.02
CA TRP A 116 9.25 10.58 4.66
C TRP A 116 8.54 9.65 3.69
N HIS A 117 8.18 10.12 2.50
CA HIS A 117 7.58 9.28 1.46
C HIS A 117 8.52 9.08 0.28
N ASP A 118 9.74 9.59 0.34
CA ASP A 118 10.70 9.43 -0.75
C ASP A 118 11.23 8.00 -0.76
N LEU A 119 10.99 7.29 -1.86
CA LEU A 119 11.36 5.88 -1.93
C LEU A 119 12.87 5.66 -1.94
N THR A 120 13.65 6.70 -2.23
CA THR A 120 15.11 6.59 -2.21
C THR A 120 15.71 6.83 -0.84
N GLN A 121 14.93 7.31 0.12
CA GLN A 121 15.42 7.59 1.46
C GLN A 121 15.03 6.46 2.41
N ALA A 122 15.54 6.54 3.64
CA ALA A 122 15.62 5.37 4.50
C ALA A 122 14.25 4.84 4.90
N VAL A 123 13.35 5.73 5.31
CA VAL A 123 12.10 5.27 5.93
C VAL A 123 11.19 4.62 4.89
N ALA A 124 10.92 5.33 3.79
CA ALA A 124 10.04 4.78 2.76
C ALA A 124 10.64 3.54 2.10
N ARG A 125 11.96 3.51 1.95
CA ARG A 125 12.61 2.30 1.46
C ARG A 125 12.40 1.12 2.41
N ALA A 126 12.45 1.39 3.71
CA ALA A 126 12.22 0.34 4.70
C ALA A 126 10.76 -0.11 4.72
N ASP A 127 9.83 0.75 4.29
CA ASP A 127 8.41 0.37 4.29
C ASP A 127 8.11 -0.73 3.29
N ILE A 128 9.00 -0.99 2.33
CA ILE A 128 8.85 -2.13 1.43
C ILE A 128 8.78 -3.43 2.20
N SER A 129 9.32 -3.45 3.43
CA SER A 129 9.24 -4.62 4.28
C SER A 129 7.80 -5.07 4.54
N PHE A 130 6.83 -4.15 4.40
CA PHE A 130 5.44 -4.51 4.61
C PHE A 130 4.93 -5.51 3.57
N THR A 131 5.57 -5.57 2.39
CA THR A 131 5.14 -6.52 1.37
C THR A 131 5.27 -7.97 1.83
N ARG A 132 6.07 -8.23 2.87
CA ARG A 132 6.22 -9.56 3.42
CA ARG A 132 6.24 -9.55 3.43
C ARG A 132 5.73 -9.61 4.86
N LEU A 133 4.64 -8.89 5.13
CA LEU A 133 4.05 -8.92 6.48
C LEU A 133 3.60 -10.30 6.95
N PRO A 134 3.09 -11.20 6.10
CA PRO A 134 2.71 -12.53 6.63
C PRO A 134 3.86 -13.28 7.28
N ASP A 135 5.09 -13.16 6.76
CA ASP A 135 6.22 -13.80 7.42
C ASP A 135 6.51 -13.19 8.77
N ALA A 136 6.25 -11.89 8.94
CA ALA A 136 6.47 -11.25 10.24
C ALA A 136 5.43 -11.71 11.26
N ILE A 137 4.22 -12.06 10.81
CA ILE A 137 3.23 -12.57 11.73
C ILE A 137 3.51 -14.03 12.09
N ARG A 138 4.12 -14.78 11.16
CA ARG A 138 4.40 -16.19 11.43
C ARG A 138 5.61 -16.37 12.35
N THR A 139 6.61 -15.50 12.23
CA THR A 139 7.85 -15.63 12.99
C THR A 139 8.05 -14.57 14.06
N GLY A 140 7.38 -13.42 13.95
CA GLY A 140 7.58 -12.35 14.91
C GLY A 140 8.89 -11.63 14.79
N ARG A 141 9.62 -11.82 13.70
CA ARG A 141 10.92 -11.22 13.47
C ARG A 141 10.90 -10.41 12.18
N PRO A 142 11.78 -9.40 12.06
CA PRO A 142 11.64 -8.44 10.95
C PRO A 142 11.88 -9.07 9.59
N THR A 143 11.36 -8.37 8.57
CA THR A 143 11.46 -8.83 7.18
C THR A 143 12.38 -7.96 6.34
N TYR A 144 13.04 -6.95 6.94
CA TYR A 144 13.90 -6.06 6.17
C TYR A 144 15.05 -6.83 5.53
N GLU A 145 15.63 -7.78 6.26
CA GLU A 145 16.78 -8.53 5.74
C GLU A 145 16.40 -9.34 4.51
N SER A 146 15.20 -9.91 4.49
CA SER A 146 14.77 -10.72 3.35
C SER A 146 14.50 -9.87 2.10
N ILE A 147 14.43 -8.56 2.23
CA ILE A 147 14.23 -7.67 1.09
C ILE A 147 15.54 -7.06 0.63
N TYR A 148 16.44 -6.74 1.56
CA TYR A 148 17.64 -5.96 1.24
C TYR A 148 18.94 -6.68 1.56
N GLY A 149 18.89 -7.93 2.02
CA GLY A 149 20.08 -8.72 2.22
C GLY A 149 20.74 -8.60 3.58
N LYS A 150 20.54 -7.50 4.27
CA LYS A 150 21.12 -7.27 5.59
C LYS A 150 20.04 -6.68 6.51
N PRO A 151 20.20 -6.83 7.83
CA PRO A 151 19.26 -6.18 8.75
C PRO A 151 19.32 -4.65 8.66
N PHE A 152 18.44 -3.97 9.39
CA PHE A 152 18.23 -2.54 9.17
C PHE A 152 19.50 -1.74 9.45
N TYR A 153 20.00 -1.81 10.68
CA TYR A 153 21.14 -0.97 11.06
C TYR A 153 22.40 -1.39 10.33
N GLU A 154 22.59 -2.69 10.09
CA GLU A 154 23.75 -3.14 9.34
C GLU A 154 23.69 -2.69 7.89
N ASP A 155 22.49 -2.50 7.34
CA ASP A 155 22.37 -1.98 5.99
C ASP A 155 22.69 -0.49 5.94
N LEU A 156 22.25 0.27 6.93
CA LEU A 156 22.59 1.69 7.00
C LEU A 156 24.09 1.87 7.17
N ALA A 157 24.69 1.15 8.12
CA ALA A 157 26.14 1.16 8.31
C ALA A 157 26.77 0.36 7.17
N GLY A 158 26.94 1.04 6.03
CA GLY A 158 27.42 0.41 4.83
C GLY A 158 26.93 1.14 3.60
N ARG A 159 25.88 1.94 3.77
CA ARG A 159 25.33 2.80 2.73
C ARG A 159 25.28 4.21 3.29
N PRO A 160 26.37 4.96 3.18
CA PRO A 160 26.41 6.31 3.79
C PRO A 160 25.29 7.22 3.32
N ASP A 161 24.87 7.11 2.06
CA ASP A 161 23.76 7.91 1.56
C ASP A 161 22.49 7.64 2.34
N LEU A 162 22.30 6.40 2.79
CA LEU A 162 21.07 6.02 3.49
C LEU A 162 21.11 6.43 4.96
N ARG A 163 22.24 6.20 5.63
CA ARG A 163 22.37 6.61 7.02
C ARG A 163 22.20 8.12 7.17
N ALA A 164 22.76 8.88 6.22
CA ALA A 164 22.61 10.33 6.27
C ALA A 164 21.16 10.75 6.06
N SER A 165 20.45 10.08 5.13
CA SER A 165 19.04 10.38 4.94
C SER A 165 18.22 10.00 6.17
N PHE A 166 18.58 8.88 6.82
CA PHE A 166 17.93 8.52 8.07
C PHE A 166 18.19 9.56 9.16
N ASP A 167 19.45 9.97 9.30
CA ASP A 167 19.79 11.02 10.27
C ASP A 167 19.02 12.30 9.98
N SER A 168 18.79 12.60 8.70
CA SER A 168 18.08 13.83 8.34
C SER A 168 16.63 13.78 8.77
N LEU A 169 15.96 12.64 8.57
CA LEU A 169 14.56 12.52 8.95
C LEU A 169 14.38 12.67 10.47
N MET A 170 15.28 12.07 11.25
CA MET A 170 15.17 12.18 12.70
C MET A 170 15.48 13.60 13.16
N THR A 171 16.52 14.22 12.60
CA THR A 171 16.96 15.53 13.08
C THR A 171 15.89 16.59 12.91
N THR A 172 15.12 16.53 11.81
CA THR A 172 14.03 17.48 11.63
C THR A 172 12.99 17.36 12.72
N ARG A 173 12.68 16.12 13.13
CA ARG A 173 11.72 15.91 14.21
C ARG A 173 12.32 16.30 15.56
N GLU A 174 13.59 15.96 15.78
CA GLU A 174 14.24 16.27 17.06
C GLU A 174 14.42 17.76 17.30
N ASP A 175 14.15 18.61 16.30
CA ASP A 175 14.25 20.05 16.47
C ASP A 175 13.06 20.65 17.20
N THR A 176 11.96 19.90 17.34
CA THR A 176 10.73 20.46 17.89
C THR A 176 9.97 19.55 18.85
N ALA A 177 10.27 18.26 18.89
CA ALA A 177 9.40 17.28 19.56
C ALA A 177 9.68 17.13 21.05
N PHE A 178 10.58 17.91 21.63
CA PHE A 178 11.02 17.64 22.99
C PHE A 178 10.73 18.76 23.98
N ALA A 179 10.10 19.86 23.56
CA ALA A 179 9.78 20.91 24.51
C ALA A 179 8.71 20.45 25.49
N ALA A 180 7.65 19.83 25.00
CA ALA A 180 6.59 19.35 25.88
C ALA A 180 7.04 18.25 26.83
N PRO A 181 7.79 17.22 26.40
CA PRO A 181 8.28 16.24 27.38
C PRO A 181 9.20 16.84 28.44
N ALA A 182 10.06 17.79 28.04
CA ALA A 182 10.94 18.42 29.01
C ALA A 182 10.16 19.22 30.04
N ALA A 183 9.09 19.88 29.62
CA ALA A 183 8.26 20.67 30.54
C ALA A 183 7.37 19.80 31.41
N ALA A 184 7.25 18.51 31.12
CA ALA A 184 6.42 17.60 31.91
C ALA A 184 7.15 17.03 33.11
N TYR A 185 8.37 17.49 33.39
CA TYR A 185 9.16 16.97 34.50
C TYR A 185 9.84 18.11 35.25
N ASP A 186 9.90 17.98 36.57
CA ASP A 186 10.54 18.98 37.42
C ASP A 186 12.02 18.64 37.54
N TRP A 187 12.87 19.56 37.07
CA TRP A 187 14.31 19.36 37.08
C TRP A 187 15.02 20.06 38.23
N THR A 188 14.26 20.69 39.14
CA THR A 188 14.86 21.55 40.16
C THR A 188 15.92 20.82 40.96
N ASN A 189 15.63 19.59 41.40
CA ASN A 189 16.53 18.82 42.23
C ASN A 189 17.37 17.83 41.43
N VAL A 190 17.39 17.94 40.10
CA VAL A 190 18.20 17.08 39.25
C VAL A 190 19.53 17.77 38.99
N ARG A 191 20.62 17.01 39.15
CA ARG A 191 21.96 17.53 38.94
C ARG A 191 22.58 17.07 37.63
N HIS A 192 22.39 15.81 37.25
CA HIS A 192 22.93 15.28 36.01
C HIS A 192 21.89 14.42 35.31
N VAL A 193 21.87 14.50 33.98
CA VAL A 193 20.91 13.77 33.15
C VAL A 193 21.69 12.95 32.14
N LEU A 194 21.42 11.64 32.11
CA LEU A 194 21.99 10.73 31.12
C LEU A 194 20.89 10.32 30.15
N ASP A 195 21.09 10.57 28.87
CA ASP A 195 20.11 10.27 27.84
C ASP A 195 20.63 9.07 27.04
N VAL A 196 20.13 7.89 27.38
CA VAL A 196 20.53 6.66 26.68
C VAL A 196 19.85 6.62 25.31
N GLY A 197 20.64 6.35 24.28
CA GLY A 197 20.11 6.44 22.93
C GLY A 197 19.78 7.87 22.54
N GLY A 198 20.62 8.83 22.92
CA GLY A 198 20.38 10.25 22.85
C GLY A 198 20.10 10.82 21.47
N ALA A 199 20.13 10.02 20.40
CA ALA A 199 19.73 10.49 19.08
C ALA A 199 20.63 11.66 18.66
N PRO A 200 20.21 12.54 17.73
CA PRO A 200 20.92 13.83 17.60
C PRO A 200 21.21 14.51 18.94
N GLY A 201 20.23 14.57 19.83
CA GLY A 201 20.43 15.22 21.11
C GLY A 201 19.38 16.26 21.42
N GLY A 202 18.18 16.08 20.84
CA GLY A 202 17.13 17.07 21.00
C GLY A 202 16.59 17.13 22.41
N PHE A 203 16.37 15.97 23.02
CA PHE A 203 15.85 15.94 24.40
C PHE A 203 16.84 16.60 25.35
N ALA A 204 18.13 16.26 25.23
CA ALA A 204 19.14 16.91 26.06
C ALA A 204 19.23 18.39 25.80
N ALA A 205 19.00 18.81 24.55
CA ALA A 205 19.03 20.25 24.24
C ALA A 205 17.81 20.95 24.81
N ALA A 206 16.67 20.26 24.89
CA ALA A 206 15.47 20.87 25.46
C ALA A 206 15.58 21.02 26.97
N ILE A 207 16.28 20.10 27.63
CA ILE A 207 16.43 20.19 29.08
C ILE A 207 17.40 21.31 29.44
N ALA A 208 18.51 21.43 28.70
CA ALA A 208 19.51 22.44 28.99
C ALA A 208 18.92 23.84 28.92
N ARG A 209 18.05 24.09 27.93
CA ARG A 209 17.41 25.40 27.82
C ARG A 209 16.42 25.64 28.95
N ARG A 210 15.79 24.58 29.46
CA ARG A 210 14.81 24.75 30.52
C ARG A 210 15.42 24.77 31.91
N ALA A 211 16.52 24.04 32.12
CA ALA A 211 17.19 23.99 33.42
C ALA A 211 18.68 24.22 33.21
N PRO A 212 19.13 25.48 33.27
CA PRO A 212 20.56 25.76 33.04
C PRO A 212 21.50 25.14 34.07
N HIS A 213 20.97 24.62 35.18
CA HIS A 213 21.79 24.04 36.24
C HIS A 213 22.05 22.55 36.05
N VAL A 214 21.67 21.97 34.91
CA VAL A 214 21.77 20.54 34.67
C VAL A 214 22.88 20.28 33.66
N SER A 215 23.83 19.42 34.03
CA SER A 215 24.79 18.88 33.09
C SER A 215 24.20 17.61 32.47
N ALA A 216 24.47 17.42 31.19
CA ALA A 216 23.87 16.32 30.44
C ALA A 216 24.95 15.53 29.72
N THR A 217 24.73 14.22 29.64
CA THR A 217 25.58 13.32 28.87
C THR A 217 24.70 12.51 27.93
N VAL A 218 25.02 12.55 26.64
CA VAL A 218 24.32 11.77 25.63
C VAL A 218 25.12 10.50 25.38
N LEU A 219 24.49 9.35 25.57
CA LEU A 219 25.11 8.06 25.29
C LEU A 219 24.57 7.51 23.98
N GLU A 220 25.45 6.98 23.15
CA GLU A 220 25.06 6.53 21.83
C GLU A 220 26.08 5.53 21.30
N MET A 221 25.62 4.65 20.41
CA MET A 221 26.45 3.56 19.90
C MET A 221 27.33 4.02 18.73
N ALA A 222 28.00 3.04 18.10
CA ALA A 222 29.00 3.33 17.08
C ALA A 222 28.36 3.98 15.86
N GLY A 223 29.15 4.78 15.16
CA GLY A 223 28.69 5.50 13.96
C GLY A 223 27.72 6.63 14.19
N THR A 224 26.64 6.38 14.92
CA THR A 224 25.59 7.37 15.14
C THR A 224 25.88 8.31 16.31
N VAL A 225 27.05 8.19 16.94
CA VAL A 225 27.54 9.25 17.81
C VAL A 225 27.99 10.47 17.01
N ASP A 226 28.30 10.26 15.72
CA ASP A 226 28.81 11.35 14.90
C ASP A 226 27.78 12.46 14.74
N THR A 227 26.50 12.10 14.68
CA THR A 227 25.45 13.10 14.50
C THR A 227 25.21 13.92 15.76
N ALA A 228 25.69 13.46 16.91
CA ALA A 228 25.37 14.11 18.18
C ALA A 228 26.20 15.37 18.40
N ARG A 229 27.53 15.26 18.27
CA ARG A 229 28.39 16.39 18.59
C ARG A 229 28.14 17.59 17.68
N SER A 230 27.74 17.35 16.43
CA SER A 230 27.54 18.45 15.49
C SER A 230 26.18 19.10 15.65
N TYR A 231 25.17 18.33 16.05
CA TYR A 231 23.86 18.90 16.31
C TYR A 231 23.91 19.82 17.52
N LEU A 232 24.45 19.35 18.64
CA LEU A 232 24.50 20.17 19.85
C LEU A 232 25.39 21.40 19.65
N LYS A 233 26.48 21.24 18.91
CA LYS A 233 27.33 22.38 18.56
C LYS A 233 26.53 23.41 17.77
N ASP A 234 25.75 22.96 16.80
CA ASP A 234 24.90 23.87 16.02
C ASP A 234 23.73 24.40 16.83
N GLU A 235 23.51 23.90 18.04
CA GLU A 235 22.51 24.45 18.95
C GLU A 235 23.11 25.44 19.95
N GLY A 236 24.43 25.66 19.90
CA GLY A 236 25.07 26.48 20.89
C GLY A 236 25.16 25.85 22.27
N LEU A 237 25.06 24.53 22.35
CA LEU A 237 25.09 23.81 23.62
C LEU A 237 26.22 22.80 23.69
N SER A 238 27.25 22.96 22.86
CA SER A 238 28.40 22.05 22.89
C SER A 238 29.12 22.12 24.24
N ASP A 239 28.92 23.18 25.01
CA ASP A 239 29.57 23.31 26.31
C ASP A 239 29.03 22.28 27.30
N ARG A 240 27.71 22.26 27.49
CA ARG A 240 27.11 21.59 28.64
C ARG A 240 26.27 20.38 28.28
N VAL A 241 26.59 19.72 27.18
CA VAL A 241 26.00 18.42 26.85
C VAL A 241 27.11 17.49 26.38
N ASP A 242 27.60 16.64 27.29
CA ASP A 242 28.65 15.70 26.92
C ASP A 242 28.09 14.60 26.02
N VAL A 243 28.98 14.03 25.20
CA VAL A 243 28.64 12.95 24.29
C VAL A 243 29.62 11.81 24.49
N VAL A 244 29.11 10.64 24.86
CA VAL A 244 29.93 9.47 25.15
C VAL A 244 29.51 8.34 24.22
N GLU A 245 30.48 7.74 23.53
CA GLU A 245 30.21 6.56 22.71
C GLU A 245 30.21 5.33 23.60
N GLY A 246 29.14 4.54 23.51
CA GLY A 246 29.04 3.36 24.34
C GLY A 246 27.97 2.42 23.83
N ASP A 247 27.85 1.29 24.53
CA ASP A 247 26.86 0.26 24.22
C ASP A 247 26.01 0.08 25.46
N PHE A 248 24.70 0.35 25.33
CA PHE A 248 23.86 0.34 26.53
C PHE A 248 23.40 -1.06 26.93
N PHE A 249 24.07 -2.10 26.48
CA PHE A 249 23.97 -3.41 27.10
C PHE A 249 25.12 -3.67 28.09
N GLU A 250 26.10 -2.79 28.14
CA GLU A 250 27.20 -2.79 29.09
C GLU A 250 26.90 -1.83 30.23
N PRO A 251 27.68 -1.86 31.30
CA PRO A 251 27.48 -0.88 32.38
C PRO A 251 27.55 0.55 31.85
N LEU A 252 26.59 1.37 32.28
CA LEU A 252 26.45 2.71 31.76
C LEU A 252 27.66 3.56 32.13
N PRO A 253 27.98 4.58 31.32
CA PRO A 253 29.24 5.31 31.54
C PRO A 253 29.31 6.03 32.88
N ARG A 254 28.18 6.40 33.47
CA ARG A 254 28.19 7.07 34.77
C ARG A 254 26.81 6.97 35.39
N LYS A 255 26.70 7.46 36.62
CA LYS A 255 25.44 7.55 37.32
C LYS A 255 24.83 8.94 37.13
N ALA A 256 23.52 9.04 37.35
CA ALA A 256 22.81 10.29 37.11
C ALA A 256 21.53 10.30 37.93
N ASP A 257 21.03 11.51 38.18
CA ASP A 257 19.76 11.67 38.88
C ASP A 257 18.57 11.39 37.97
N ALA A 258 18.75 11.49 36.66
CA ALA A 258 17.67 11.25 35.70
C ALA A 258 18.25 10.57 34.48
N ILE A 259 17.79 9.35 34.21
CA ILE A 259 18.19 8.59 33.02
C ILE A 259 16.98 8.52 32.09
N ILE A 260 17.20 8.86 30.82
CA ILE A 260 16.13 9.05 29.86
C ILE A 260 16.24 8.00 28.76
N LEU A 261 15.10 7.42 28.39
CA LEU A 261 14.98 6.45 27.30
C LEU A 261 13.89 6.95 26.37
N SER A 262 14.24 7.90 25.49
CA SER A 262 13.27 8.52 24.60
C SER A 262 13.24 7.74 23.28
N PHE A 263 12.18 6.95 23.09
CA PHE A 263 11.99 6.14 21.88
C PHE A 263 13.23 5.29 21.59
N VAL A 264 13.64 4.53 22.59
CA VAL A 264 14.76 3.59 22.48
C VAL A 264 14.27 2.15 22.63
N LEU A 265 13.46 1.89 23.65
CA LEU A 265 13.06 0.52 23.97
C LEU A 265 12.16 -0.10 22.90
N LEU A 266 11.44 0.71 22.13
CA LEU A 266 10.57 0.17 21.09
C LEU A 266 11.34 -0.48 19.96
N ASN A 267 12.66 -0.28 19.88
CA ASN A 267 13.48 -0.89 18.85
C ASN A 267 13.92 -2.30 19.19
N TRP A 268 13.53 -2.82 20.36
CA TRP A 268 14.09 -4.07 20.86
C TRP A 268 12.97 -5.00 21.32
N PRO A 269 13.21 -6.32 21.27
CA PRO A 269 12.25 -7.26 21.85
C PRO A 269 12.26 -7.21 23.37
N ASP A 270 11.43 -8.04 24.01
CA ASP A 270 11.21 -7.91 25.44
C ASP A 270 12.46 -8.22 26.25
N HIS A 271 13.19 -9.29 25.89
CA HIS A 271 14.36 -9.67 26.67
C HIS A 271 15.47 -8.64 26.57
N ASP A 272 15.60 -7.99 25.41
CA ASP A 272 16.63 -6.96 25.26
C ASP A 272 16.23 -5.65 25.95
N ALA A 273 14.94 -5.33 25.96
CA ALA A 273 14.49 -4.11 26.62
C ALA A 273 14.71 -4.19 28.13
N VAL A 274 14.45 -5.36 28.72
CA VAL A 274 14.67 -5.53 30.16
C VAL A 274 16.13 -5.34 30.51
N ARG A 275 17.04 -5.74 29.61
CA ARG A 275 18.47 -5.60 29.89
C ARG A 275 18.88 -4.13 29.90
N ILE A 276 18.43 -3.37 28.90
CA ILE A 276 18.70 -1.93 28.90
C ILE A 276 18.08 -1.27 30.11
N LEU A 277 16.88 -1.70 30.49
CA LEU A 277 16.23 -1.17 31.70
C LEU A 277 17.01 -1.54 32.95
N THR A 278 17.60 -2.75 32.96
CA THR A 278 18.37 -3.18 34.11
C THR A 278 19.67 -2.38 34.24
N ARG A 279 20.33 -2.10 33.12
CA ARG A 279 21.52 -1.26 33.15
C ARG A 279 21.20 0.13 33.67
N CYS A 280 20.03 0.66 33.32
CA CYS A 280 19.63 1.98 33.78
C CYS A 280 19.36 1.99 35.29
N ALA A 281 18.67 0.95 35.78
CA ALA A 281 18.42 0.86 37.22
C ALA A 281 19.72 0.72 38.01
N GLU A 282 20.75 0.12 37.41
CA GLU A 282 22.02 -0.03 38.08
C GLU A 282 22.72 1.32 38.25
N ALA A 283 22.59 2.20 37.26
CA ALA A 283 23.27 3.48 37.27
C ALA A 283 22.43 4.61 37.86
N LEU A 284 21.33 4.28 38.54
CA LEU A 284 20.44 5.29 39.08
C LEU A 284 20.97 5.80 40.42
N GLU A 285 21.16 7.12 40.53
CA GLU A 285 21.56 7.73 41.78
C GLU A 285 20.45 7.55 42.83
N PRO A 286 20.80 7.63 44.11
CA PRO A 286 19.76 7.52 45.15
C PRO A 286 18.76 8.65 45.03
N GLY A 287 17.48 8.28 44.96
CA GLY A 287 16.40 9.23 44.73
C GLY A 287 16.14 9.56 43.29
N GLY A 288 16.94 9.02 42.37
CA GLY A 288 16.78 9.33 40.96
C GLY A 288 15.58 8.62 40.34
N ARG A 289 15.34 8.95 39.06
CA ARG A 289 14.21 8.41 38.33
C ARG A 289 14.63 8.06 36.92
N ILE A 290 14.02 7.01 36.38
CA ILE A 290 14.15 6.63 34.97
C ILE A 290 12.93 7.14 34.24
N LEU A 291 13.15 7.89 33.17
CA LEU A 291 12.08 8.48 32.38
C LEU A 291 12.03 7.81 31.02
N ILE A 292 10.90 7.17 30.72
CA ILE A 292 10.67 6.53 29.43
C ILE A 292 9.75 7.43 28.62
N HIS A 293 10.28 7.94 27.52
CA HIS A 293 9.48 8.78 26.59
C HIS A 293 9.05 7.94 25.39
N GLU A 294 7.78 7.55 25.36
CA GLU A 294 7.25 6.69 24.28
C GLU A 294 5.72 6.69 24.36
N ARG A 295 5.11 5.56 24.03
CA ARG A 295 3.64 5.42 24.09
C ARG A 295 3.30 4.46 25.22
N ALA A 296 2.12 4.59 25.81
CA ALA A 296 1.65 3.71 26.87
C ALA A 296 0.12 3.66 26.80
N ASP A 297 -0.39 3.09 25.73
CA ASP A 297 -1.86 3.02 25.52
C ASP A 297 -2.49 2.12 26.58
N VAL A 298 -3.69 2.48 27.02
CA VAL A 298 -4.42 1.63 27.99
C VAL A 298 -5.55 0.94 27.21
N GLU A 299 -5.65 -0.38 27.31
CA GLU A 299 -6.68 -1.09 26.51
C GLU A 299 -8.05 -0.59 26.92
N GLY A 300 -8.73 0.15 26.03
CA GLY A 300 -10.08 0.68 26.32
C GLY A 300 -10.08 2.19 26.40
N ASP A 301 -8.90 2.82 26.34
CA ASP A 301 -8.79 4.30 26.47
C ASP A 301 -9.68 5.01 25.46
N GLY A 302 -9.72 4.52 24.22
CA GLY A 302 -10.51 5.18 23.16
C GLY A 302 -9.75 6.34 22.53
N ALA A 303 -8.43 6.38 22.73
CA ALA A 303 -7.58 7.43 22.12
C ALA A 303 -7.27 7.05 20.68
N ASP A 304 -6.73 7.99 19.90
CA ASP A 304 -6.39 7.72 18.47
C ASP A 304 -5.35 6.61 18.39
N ARG A 305 -5.54 5.67 17.48
CA ARG A 305 -4.61 4.53 17.35
C ARG A 305 -4.25 4.36 15.87
N PHE A 306 -4.28 5.45 15.09
CA PHE A 306 -3.87 5.34 13.67
C PHE A 306 -2.35 5.43 13.64
N PHE A 307 -1.82 6.46 14.28
CA PHE A 307 -0.36 6.64 14.35
C PHE A 307 0.29 5.56 15.24
N SER A 308 -0.41 5.03 16.24
CA SER A 308 0.21 4.04 17.11
C SER A 308 0.38 2.70 16.40
N THR A 309 -0.64 2.25 15.66
CA THR A 309 -0.54 0.99 14.95
C THR A 309 0.50 1.05 13.83
N LEU A 310 0.63 2.21 13.18
CA LEU A 310 1.62 2.36 12.12
C LEU A 310 3.03 2.22 12.69
N LEU A 311 3.32 2.91 13.79
CA LEU A 311 4.65 2.82 14.39
C LEU A 311 4.91 1.42 14.92
N ASP A 312 3.92 0.80 15.55
CA ASP A 312 4.11 -0.53 16.11
C ASP A 312 4.37 -1.56 15.02
N LEU A 313 3.56 -1.55 13.97
CA LEU A 313 3.76 -2.48 12.86
C LEU A 313 5.05 -2.20 12.12
N ARG A 314 5.45 -0.92 12.03
CA ARG A 314 6.75 -0.59 11.45
C ARG A 314 7.87 -1.22 12.26
N MET A 315 7.81 -1.09 13.59
CA MET A 315 8.84 -1.68 14.45
C MET A 315 8.94 -3.20 14.23
N LEU A 316 7.80 -3.85 13.98
CA LEU A 316 7.81 -5.30 13.79
C LEU A 316 8.57 -5.67 12.52
N VAL A 317 8.23 -5.04 11.39
CA VAL A 317 8.84 -5.43 10.13
C VAL A 317 10.24 -4.84 9.96
N PHE A 318 10.50 -3.67 10.58
CA PHE A 318 11.83 -3.07 10.48
C PHE A 318 12.83 -3.85 11.34
N LEU A 319 12.53 -4.01 12.62
CA LEU A 319 13.53 -4.45 13.59
C LEU A 319 13.07 -5.55 14.53
N GLY A 320 11.81 -5.96 14.50
CA GLY A 320 11.31 -6.90 15.47
C GLY A 320 10.96 -6.30 16.81
N GLY A 321 10.92 -4.97 16.91
CA GLY A 321 10.49 -4.31 18.12
C GLY A 321 8.97 -4.23 18.21
N ALA A 322 8.51 -3.39 19.14
CA ALA A 322 7.08 -3.26 19.39
C ALA A 322 6.83 -2.04 20.27
N LEU A 323 5.61 -1.53 20.18
CA LEU A 323 5.10 -0.64 21.22
C LEU A 323 4.52 -1.47 22.36
N ARG A 324 4.43 -0.87 23.54
CA ARG A 324 4.00 -1.58 24.72
C ARG A 324 2.90 -0.82 25.44
N THR A 325 1.89 -1.55 25.90
CA THR A 325 0.77 -0.96 26.61
C THR A 325 1.16 -0.63 28.05
N ARG A 326 0.25 0.07 28.75
CA ARG A 326 0.50 0.42 30.14
C ARG A 326 0.73 -0.82 30.99
N GLU A 327 0.01 -1.91 30.70
CA GLU A 327 0.17 -3.13 31.48
C GLU A 327 1.47 -3.85 31.13
N LYS A 328 1.84 -3.86 29.84
CA LYS A 328 3.12 -4.44 29.46
C LYS A 328 4.29 -3.69 30.09
N TRP A 329 4.16 -2.38 30.27
CA TRP A 329 5.21 -1.61 30.93
C TRP A 329 5.35 -2.01 32.39
N ASP A 330 4.25 -2.38 33.04
CA ASP A 330 4.33 -2.83 34.43
C ASP A 330 5.14 -4.12 34.54
N GLY A 331 5.07 -4.99 33.53
CA GLY A 331 5.82 -6.23 33.59
C GLY A 331 7.31 -6.03 33.39
N LEU A 332 7.68 -5.23 32.38
CA LEU A 332 9.10 -4.99 32.11
C LEU A 332 9.75 -4.27 33.29
N ALA A 333 9.06 -3.30 33.89
CA ALA A 333 9.63 -2.57 35.01
C ALA A 333 9.89 -3.49 36.19
N ALA A 334 8.95 -4.41 36.48
CA ALA A 334 9.14 -5.34 37.58
C ALA A 334 10.31 -6.28 37.31
N SER A 335 10.49 -6.69 36.05
CA SER A 335 11.62 -7.54 35.70
C SER A 335 12.96 -6.82 35.86
N ALA A 336 12.96 -5.50 35.79
CA ALA A 336 14.16 -4.70 35.95
C ALA A 336 14.31 -4.14 37.36
N GLY A 337 13.48 -4.58 38.30
CA GLY A 337 13.52 -4.04 39.64
C GLY A 337 13.01 -2.62 39.74
N LEU A 338 11.94 -2.33 39.02
CA LEU A 338 11.43 -0.93 38.95
C LEU A 338 9.90 -0.94 39.06
N VAL A 339 9.32 0.23 39.29
CA VAL A 339 7.83 0.37 39.34
C VAL A 339 7.47 1.62 38.55
N VAL A 340 6.41 1.56 37.76
CA VAL A 340 5.93 2.78 37.06
C VAL A 340 5.17 3.64 38.06
N GLU A 341 5.76 4.75 38.48
CA GLU A 341 5.12 5.64 39.46
C GLU A 341 4.07 6.51 38.77
N GLU A 342 4.46 7.22 37.72
CA GLU A 342 3.52 8.16 37.08
C GLU A 342 3.56 8.01 35.56
N VAL A 343 2.43 8.23 34.90
CA VAL A 343 2.39 8.29 33.41
C VAL A 343 1.85 9.67 33.12
N ARG A 344 2.60 10.49 32.41
CA ARG A 344 2.18 11.86 32.17
C ARG A 344 1.43 11.97 30.86
N GLY A 345 0.35 12.74 30.87
CA GLY A 345 -0.65 12.77 29.83
C GLY A 345 -0.13 13.02 28.42
N PRO A 346 -1.05 12.99 27.45
CA PRO A 346 -0.65 13.02 26.03
C PRO A 346 0.24 14.21 25.69
N LEU A 347 1.47 13.98 25.28
CA LEU A 347 2.32 15.15 25.01
C LEU A 347 2.11 15.55 23.55
N VAL A 348 1.66 16.78 23.32
CA VAL A 348 1.40 17.28 21.93
C VAL A 348 2.60 18.10 21.47
N SER A 349 3.22 17.69 20.38
CA SER A 349 4.40 18.38 19.83
C SER A 349 4.07 18.83 18.40
N PRO A 350 4.44 20.06 18.00
CA PRO A 350 4.05 20.59 16.70
C PRO A 350 4.68 19.85 15.51
N ASN A 351 3.88 19.55 14.47
CA ASN A 351 4.36 18.85 13.25
C ASN A 351 4.69 17.39 13.55
N VAL A 352 4.35 16.94 14.77
CA VAL A 352 4.56 15.51 15.16
C VAL A 352 3.19 14.83 15.29
N PRO A 353 2.74 13.93 14.39
CA PRO A 353 1.36 13.42 14.45
C PRO A 353 1.07 12.54 15.65
N LEU A 354 2.08 11.97 16.30
CA LEU A 354 1.87 11.00 17.37
C LEU A 354 2.11 11.67 18.72
N ASP A 355 1.05 11.75 19.53
CA ASP A 355 1.22 12.18 20.91
C ASP A 355 1.96 11.11 21.70
N SER A 356 2.87 11.56 22.56
CA SER A 356 3.73 10.67 23.32
C SER A 356 3.38 10.74 24.81
N CYS A 357 4.15 10.02 25.61
CA CYS A 357 3.94 9.95 27.05
C CYS A 357 5.29 9.91 27.75
N LEU A 358 5.28 10.23 29.03
CA LEU A 358 6.49 10.22 29.86
C LEU A 358 6.21 9.35 31.08
N LEU A 359 6.77 8.14 31.09
CA LEU A 359 6.66 7.25 32.24
C LEU A 359 7.80 7.53 33.21
N VAL A 360 7.45 7.76 34.48
CA VAL A 360 8.43 7.97 35.53
C VAL A 360 8.58 6.67 36.32
N LEU A 361 9.79 6.09 36.29
CA LEU A 361 10.06 4.81 36.92
C LEU A 361 10.99 5.01 38.12
N ALA A 362 10.74 4.27 39.18
CA ALA A 362 11.51 4.32 40.41
C ALA A 362 11.85 2.91 40.85
N PRO A 363 12.91 2.74 41.64
CA PRO A 363 13.24 1.40 42.16
C PRO A 363 12.10 0.85 43.01
N ALA A 364 11.77 -0.41 42.77
CA ALA A 364 10.69 -1.08 43.50
C ALA A 364 11.10 -1.36 44.94
N ASP B 25 -4.65 16.92 10.78
CA ASP B 25 -5.78 17.06 9.86
C ASP B 25 -5.37 16.75 8.44
N ALA B 26 -4.80 17.75 7.75
CA ALA B 26 -4.23 17.50 6.43
C ALA B 26 -2.99 16.62 6.53
N LEU B 27 -2.25 16.73 7.63
CA LEU B 27 -1.14 15.83 7.88
C LEU B 27 -1.62 14.41 8.10
N ARG B 28 -2.77 14.26 8.77
CA ARG B 28 -3.34 12.93 8.97
C ARG B 28 -3.86 12.36 7.66
N THR B 29 -4.48 13.19 6.82
CA THR B 29 -5.04 12.72 5.56
C THR B 29 -3.94 12.26 4.61
N LEU B 30 -2.83 13.00 4.55
CA LEU B 30 -1.73 12.61 3.67
C LEU B 30 -1.09 11.31 4.12
N ILE B 31 -0.86 11.16 5.43
CA ILE B 31 -0.21 9.95 5.94
C ILE B 31 -1.10 8.73 5.70
N ARG B 32 -2.41 8.89 5.85
CA ARG B 32 -3.32 7.78 5.59
C ARG B 32 -3.31 7.38 4.12
N LEU B 33 -3.21 8.36 3.21
CA LEU B 33 -3.22 8.05 1.79
C LEU B 33 -1.95 7.31 1.36
N GLY B 34 -0.82 7.64 1.97
CA GLY B 34 0.44 7.01 1.59
C GLY B 34 0.86 5.86 2.48
N SER B 35 -0.10 5.27 3.19
CA SER B 35 0.19 4.19 4.12
C SER B 35 0.26 2.85 3.41
N LEU B 36 1.34 2.11 3.63
CA LEU B 36 1.49 0.76 3.09
C LEU B 36 1.01 -0.31 4.05
N HIS B 37 0.91 0.00 5.35
CA HIS B 37 0.59 -1.05 6.32
C HIS B 37 -0.87 -1.46 6.27
N THR B 38 -1.78 -0.52 6.00
CA THR B 38 -3.20 -0.89 5.93
C THR B 38 -3.50 -1.84 4.77
N PRO B 39 -3.10 -1.56 3.52
CA PRO B 39 -3.38 -2.55 2.46
C PRO B 39 -2.64 -3.85 2.64
N MET B 40 -1.47 -3.83 3.28
CA MET B 40 -0.76 -5.07 3.54
C MET B 40 -1.37 -5.85 4.70
N VAL B 41 -1.98 -5.15 5.66
CA VAL B 41 -2.71 -5.84 6.72
C VAL B 41 -3.92 -6.56 6.16
N VAL B 42 -4.64 -5.92 5.23
CA VAL B 42 -5.79 -6.55 4.61
C VAL B 42 -5.37 -7.76 3.80
N ARG B 43 -4.31 -7.62 3.01
CA ARG B 43 -3.83 -8.74 2.19
C ARG B 43 -3.28 -9.87 3.06
N THR B 44 -2.75 -9.54 4.24
CA THR B 44 -2.25 -10.57 5.14
C THR B 44 -3.41 -11.35 5.76
N ALA B 45 -4.46 -10.64 6.17
CA ALA B 45 -5.64 -11.31 6.71
C ALA B 45 -6.26 -12.26 5.69
N ALA B 46 -6.27 -11.85 4.42
CA ALA B 46 -6.82 -12.71 3.37
C ALA B 46 -5.91 -13.91 3.12
N THR B 47 -4.59 -13.68 3.09
CA THR B 47 -3.65 -14.77 2.82
C THR B 47 -3.71 -15.82 3.93
N LEU B 48 -3.86 -15.39 5.17
CA LEU B 48 -3.91 -16.30 6.31
C LEU B 48 -5.27 -16.98 6.47
N ARG B 49 -6.23 -16.71 5.59
CA ARG B 49 -7.60 -17.22 5.71
C ARG B 49 -8.17 -16.92 7.09
N LEU B 50 -7.95 -15.68 7.55
CA LEU B 50 -8.29 -15.30 8.91
C LEU B 50 -9.79 -15.36 9.15
N VAL B 51 -10.56 -14.75 8.24
CA VAL B 51 -12.01 -14.70 8.44
C VAL B 51 -12.61 -16.10 8.36
N ASP B 52 -12.06 -16.97 7.50
CA ASP B 52 -12.56 -18.34 7.41
C ASP B 52 -12.39 -19.09 8.72
N HIS B 53 -11.21 -18.96 9.34
CA HIS B 53 -10.95 -19.67 10.58
C HIS B 53 -11.77 -19.12 11.74
N ILE B 54 -12.21 -17.86 11.68
CA ILE B 54 -13.06 -17.33 12.73
C ILE B 54 -14.46 -17.92 12.62
N LEU B 55 -15.00 -17.96 11.39
CA LEU B 55 -16.34 -18.51 11.20
C LEU B 55 -16.40 -20.00 11.54
N ALA B 56 -15.28 -20.70 11.40
CA ALA B 56 -15.22 -22.14 11.60
C ALA B 56 -14.90 -22.54 13.04
N GLY B 57 -14.99 -21.60 13.99
CA GLY B 57 -14.82 -21.97 15.38
C GLY B 57 -13.80 -21.18 16.17
N ALA B 58 -12.63 -20.92 15.58
CA ALA B 58 -11.54 -20.26 16.28
C ALA B 58 -11.95 -18.85 16.70
N ARG B 59 -12.26 -18.68 17.98
CA ARG B 59 -12.73 -17.41 18.52
C ARG B 59 -11.63 -16.64 19.25
N THR B 60 -10.79 -17.33 20.02
CA THR B 60 -9.70 -16.68 20.72
C THR B 60 -8.50 -16.51 19.80
N VAL B 61 -7.59 -15.61 20.20
CA VAL B 61 -6.37 -15.44 19.43
C VAL B 61 -5.45 -16.64 19.59
N LYS B 62 -5.59 -17.38 20.70
CA LYS B 62 -4.80 -18.59 20.89
C LYS B 62 -5.17 -19.64 19.87
N ALA B 63 -6.46 -19.78 19.57
CA ALA B 63 -6.90 -20.73 18.55
C ALA B 63 -6.62 -20.22 17.15
N LEU B 64 -6.81 -18.91 16.93
CA LEU B 64 -6.52 -18.34 15.61
C LEU B 64 -5.06 -18.48 15.24
N ALA B 65 -4.16 -18.30 16.22
CA ALA B 65 -2.74 -18.43 15.95
C ALA B 65 -2.37 -19.86 15.59
N ALA B 66 -2.98 -20.83 16.28
CA ALA B 66 -2.66 -22.23 16.00
C ALA B 66 -3.12 -22.65 14.61
N ARG B 67 -4.28 -22.16 14.17
CA ARG B 67 -4.82 -22.55 12.87
C ARG B 67 -4.11 -21.87 11.71
N THR B 68 -3.54 -20.69 11.94
CA THR B 68 -2.81 -19.95 10.92
C THR B 68 -1.30 -20.12 11.02
N ASP B 69 -0.82 -20.82 12.05
CA ASP B 69 0.61 -21.04 12.27
C ASP B 69 1.36 -19.71 12.42
N THR B 70 0.90 -18.91 13.38
CA THR B 70 1.46 -17.60 13.64
C THR B 70 1.72 -17.44 15.12
N ARG B 71 2.61 -16.50 15.46
CA ARG B 71 2.89 -16.20 16.85
C ARG B 71 1.76 -15.38 17.45
N PRO B 72 1.20 -15.79 18.60
CA PRO B 72 0.01 -15.10 19.13
C PRO B 72 0.22 -13.62 19.42
N GLU B 73 1.41 -13.23 19.88
CA GLU B 73 1.65 -11.82 20.17
C GLU B 73 1.62 -10.98 18.88
N ALA B 74 2.08 -11.55 17.77
CA ALA B 74 2.11 -10.81 16.52
C ALA B 74 0.74 -10.76 15.86
N LEU B 75 -0.02 -11.86 15.96
CA LEU B 75 -1.36 -11.90 15.37
C LEU B 75 -2.28 -10.89 16.03
N LEU B 76 -2.13 -10.69 17.34
CA LEU B 76 -2.97 -9.71 18.03
C LEU B 76 -2.66 -8.29 17.57
N ARG B 77 -1.40 -7.99 17.24
CA ARG B 77 -1.08 -6.68 16.70
C ARG B 77 -1.65 -6.47 15.31
N LEU B 78 -1.75 -7.55 14.53
CA LEU B 78 -2.41 -7.46 13.23
C LEU B 78 -3.92 -7.31 13.39
N ILE B 79 -4.50 -8.03 14.34
CA ILE B 79 -5.93 -7.92 14.59
C ILE B 79 -6.26 -6.51 15.09
N ARG B 80 -5.39 -5.92 15.90
CA ARG B 80 -5.64 -4.58 16.42
C ARG B 80 -5.83 -3.57 15.29
N HIS B 81 -5.06 -3.69 14.22
CA HIS B 81 -5.28 -2.83 13.06
C HIS B 81 -6.52 -3.24 12.29
N LEU B 82 -6.75 -4.55 12.17
CA LEU B 82 -7.96 -5.02 11.49
C LEU B 82 -9.21 -4.54 12.20
N VAL B 83 -9.17 -4.41 13.52
CA VAL B 83 -10.31 -3.85 14.24
C VAL B 83 -10.41 -2.36 13.99
N ALA B 84 -9.28 -1.65 13.98
CA ALA B 84 -9.27 -0.20 13.85
C ALA B 84 -9.76 0.27 12.49
N ILE B 85 -9.74 -0.58 11.47
CA ILE B 85 -10.18 -0.21 10.13
C ILE B 85 -11.52 -0.80 9.76
N GLY B 86 -12.17 -1.52 10.66
CA GLY B 86 -13.54 -1.94 10.46
C GLY B 86 -13.74 -3.29 9.81
N LEU B 87 -12.72 -4.12 9.71
CA LEU B 87 -12.90 -5.47 9.19
C LEU B 87 -13.22 -6.49 10.28
N LEU B 88 -12.81 -6.22 11.52
CA LEU B 88 -13.11 -7.09 12.65
C LEU B 88 -13.67 -6.25 13.79
N GLU B 89 -14.48 -6.88 14.63
CA GLU B 89 -15.01 -6.25 15.83
C GLU B 89 -14.90 -7.22 17.01
N GLU B 90 -14.66 -6.65 18.18
CA GLU B 90 -14.52 -7.43 19.41
C GLU B 90 -15.91 -7.63 20.02
N ASP B 91 -16.43 -8.84 19.89
CA ASP B 91 -17.71 -9.22 20.48
C ASP B 91 -17.41 -10.16 21.64
N ALA B 92 -17.51 -9.62 22.88
CA ALA B 92 -17.07 -10.22 24.13
C ALA B 92 -15.55 -10.18 24.23
N PRO B 93 -15.00 -10.07 25.44
CA PRO B 93 -13.54 -9.93 25.58
C PRO B 93 -12.79 -11.10 24.93
N GLY B 94 -11.85 -10.75 24.05
CA GLY B 94 -11.00 -11.73 23.42
C GLY B 94 -11.57 -12.42 22.20
N GLU B 95 -12.88 -12.30 21.95
CA GLU B 95 -13.52 -12.95 20.82
C GLU B 95 -13.70 -11.92 19.70
N PHE B 96 -13.12 -12.20 18.54
CA PHE B 96 -13.13 -11.29 17.40
C PHE B 96 -13.96 -11.90 16.28
N VAL B 97 -14.96 -11.15 15.82
CA VAL B 97 -15.82 -11.58 14.72
C VAL B 97 -15.67 -10.57 13.59
N PRO B 98 -15.94 -10.98 12.36
CA PRO B 98 -15.86 -10.04 11.24
C PRO B 98 -17.06 -9.11 11.19
N THR B 99 -16.81 -7.88 10.75
CA THR B 99 -17.89 -6.95 10.48
C THR B 99 -18.53 -7.28 9.14
N GLU B 100 -19.50 -6.46 8.73
CA GLU B 100 -20.17 -6.69 7.45
C GLU B 100 -19.21 -6.52 6.27
N VAL B 101 -18.23 -5.62 6.40
CA VAL B 101 -17.22 -5.50 5.36
C VAL B 101 -16.20 -6.63 5.48
N GLY B 102 -15.86 -7.02 6.71
CA GLY B 102 -14.94 -8.13 6.91
C GLY B 102 -15.48 -9.47 6.44
N GLU B 103 -16.80 -9.58 6.28
CA GLU B 103 -17.40 -10.83 5.79
C GLU B 103 -17.03 -11.10 4.34
N LEU B 104 -16.66 -10.08 3.57
CA LEU B 104 -16.26 -10.29 2.18
C LEU B 104 -14.98 -11.10 2.07
N LEU B 105 -14.20 -11.20 3.14
CA LEU B 105 -12.98 -11.99 3.11
C LEU B 105 -13.23 -13.47 3.36
N ALA B 106 -14.49 -13.89 3.44
CA ALA B 106 -14.80 -15.32 3.48
C ALA B 106 -14.58 -15.91 2.09
N ASP B 107 -13.96 -17.09 2.05
CA ASP B 107 -13.55 -17.67 0.79
C ASP B 107 -14.71 -17.99 -0.14
N ASP B 108 -15.91 -18.21 0.41
CA ASP B 108 -17.07 -18.59 -0.39
C ASP B 108 -17.97 -17.41 -0.70
N HIS B 109 -17.55 -16.18 -0.38
CA HIS B 109 -18.35 -15.01 -0.72
C HIS B 109 -18.38 -14.84 -2.25
N PRO B 110 -19.50 -14.41 -2.82
CA PRO B 110 -19.60 -14.33 -4.29
C PRO B 110 -18.57 -13.42 -4.93
N ALA B 111 -18.08 -12.40 -4.22
CA ALA B 111 -17.15 -11.44 -4.82
C ALA B 111 -15.71 -11.93 -4.88
N ALA B 112 -15.40 -13.05 -4.23
CA ALA B 112 -14.08 -13.69 -4.31
C ALA B 112 -12.96 -12.75 -3.86
N GLN B 113 -13.27 -11.79 -3.01
CA GLN B 113 -12.28 -10.79 -2.61
C GLN B 113 -11.14 -11.39 -1.80
N ARG B 114 -11.35 -12.53 -1.15
CA ARG B 114 -10.25 -13.16 -0.42
C ARG B 114 -9.18 -13.68 -1.39
N ALA B 115 -9.60 -14.31 -2.48
CA ALA B 115 -8.64 -14.80 -3.46
C ALA B 115 -7.94 -13.65 -4.17
N TRP B 116 -8.65 -12.54 -4.39
CA TRP B 116 -8.04 -11.39 -5.06
C TRP B 116 -6.96 -10.74 -4.20
N HIS B 117 -7.04 -10.90 -2.88
CA HIS B 117 -6.08 -10.30 -1.96
C HIS B 117 -5.09 -11.31 -1.40
N ASP B 118 -5.14 -12.56 -1.88
CA ASP B 118 -4.21 -13.58 -1.41
C ASP B 118 -2.85 -13.37 -2.05
N LEU B 119 -1.83 -13.14 -1.21
CA LEU B 119 -0.49 -12.86 -1.70
C LEU B 119 0.14 -14.04 -2.41
N THR B 120 -0.40 -15.25 -2.26
CA THR B 120 0.12 -16.41 -2.97
C THR B 120 -0.52 -16.61 -4.33
N GLN B 121 -1.64 -15.94 -4.61
CA GLN B 121 -2.32 -16.07 -5.88
C GLN B 121 -1.90 -14.93 -6.83
N ALA B 122 -2.39 -15.02 -8.07
CA ALA B 122 -1.76 -14.32 -9.19
C ALA B 122 -1.83 -12.81 -9.04
N VAL B 123 -3.02 -12.27 -8.75
CA VAL B 123 -3.22 -10.82 -8.85
C VAL B 123 -2.49 -10.09 -7.72
N ALA B 124 -2.71 -10.52 -6.47
CA ALA B 124 -2.05 -9.87 -5.35
C ALA B 124 -0.55 -10.05 -5.39
N ARG B 125 -0.07 -11.19 -5.88
CA ARG B 125 1.36 -11.34 -6.13
C ARG B 125 1.84 -10.34 -7.16
N ALA B 126 1.06 -10.14 -8.23
CA ALA B 126 1.46 -9.20 -9.27
C ALA B 126 1.38 -7.76 -8.79
N ASP B 127 0.51 -7.47 -7.82
CA ASP B 127 0.37 -6.09 -7.32
C ASP B 127 1.63 -5.60 -6.62
N ILE B 128 2.54 -6.50 -6.25
CA ILE B 128 3.83 -6.07 -5.69
C ILE B 128 4.61 -5.22 -6.68
N SER B 129 4.28 -5.31 -7.97
CA SER B 129 4.91 -4.46 -8.98
C SER B 129 4.76 -2.98 -8.69
N PHE B 130 3.76 -2.60 -7.88
CA PHE B 130 3.54 -1.20 -7.56
C PHE B 130 4.66 -0.62 -6.71
N THR B 131 5.43 -1.47 -6.02
CA THR B 131 6.57 -0.98 -5.25
C THR B 131 7.68 -0.41 -6.12
N ARG B 132 7.61 -0.61 -7.44
CA ARG B 132 8.56 -0.05 -8.39
C ARG B 132 7.87 0.89 -9.36
N LEU B 133 6.79 1.53 -8.93
CA LEU B 133 6.05 2.45 -9.80
C LEU B 133 6.90 3.59 -10.37
N PRO B 134 7.89 4.16 -9.66
CA PRO B 134 8.73 5.20 -10.29
C PRO B 134 9.38 4.75 -11.58
N ASP B 135 9.83 3.49 -11.67
CA ASP B 135 10.41 3.01 -12.92
C ASP B 135 9.37 2.94 -14.03
N ALA B 136 8.14 2.56 -13.70
CA ALA B 136 7.09 2.50 -14.71
C ALA B 136 6.72 3.89 -15.22
N ILE B 137 6.79 4.91 -14.37
CA ILE B 137 6.50 6.27 -14.83
C ILE B 137 7.67 6.81 -15.65
N ARG B 138 8.89 6.33 -15.38
CA ARG B 138 10.05 6.79 -16.14
C ARG B 138 10.04 6.20 -17.55
N THR B 139 9.77 4.91 -17.68
CA THR B 139 9.90 4.21 -18.95
C THR B 139 8.57 3.93 -19.64
N GLY B 140 7.49 3.78 -18.89
CA GLY B 140 6.23 3.33 -19.46
C GLY B 140 6.13 1.83 -19.64
N ARG B 141 7.11 1.08 -19.15
CA ARG B 141 7.18 -0.36 -19.30
C ARG B 141 6.90 -1.06 -17.97
N PRO B 142 6.37 -2.29 -18.01
CA PRO B 142 5.98 -2.95 -16.76
C PRO B 142 7.18 -3.32 -15.90
N THR B 143 6.93 -3.41 -14.60
CA THR B 143 7.94 -3.71 -13.61
C THR B 143 7.83 -5.13 -13.04
N TYR B 144 6.90 -5.95 -13.54
CA TYR B 144 6.75 -7.31 -13.04
C TYR B 144 8.04 -8.10 -13.20
N GLU B 145 8.69 -7.98 -14.36
CA GLU B 145 9.91 -8.73 -14.62
C GLU B 145 11.03 -8.36 -13.66
N SER B 146 11.08 -7.10 -13.23
CA SER B 146 12.15 -6.66 -12.33
C SER B 146 12.00 -7.21 -10.91
N ILE B 147 10.90 -7.87 -10.61
CA ILE B 147 10.66 -8.44 -9.29
C ILE B 147 10.68 -9.96 -9.32
N TYR B 148 10.16 -10.58 -10.37
CA TYR B 148 9.98 -12.02 -10.42
C TYR B 148 10.84 -12.71 -11.46
N GLY B 149 11.61 -11.96 -12.26
CA GLY B 149 12.55 -12.54 -13.19
C GLY B 149 12.02 -12.76 -14.60
N LYS B 150 10.70 -12.83 -14.77
CA LYS B 150 10.09 -13.03 -16.07
C LYS B 150 8.91 -12.09 -16.21
N PRO B 151 8.52 -11.73 -17.43
CA PRO B 151 7.29 -10.96 -17.62
C PRO B 151 6.07 -11.74 -17.15
N PHE B 152 4.92 -11.05 -17.18
CA PHE B 152 3.72 -11.56 -16.51
C PHE B 152 3.27 -12.89 -17.10
N TYR B 153 3.18 -12.97 -18.43
CA TYR B 153 2.66 -14.18 -19.05
C TYR B 153 3.69 -15.30 -19.10
N GLU B 154 4.97 -14.96 -19.29
CA GLU B 154 6.01 -16.00 -19.26
C GLU B 154 6.13 -16.62 -17.88
N ASP B 155 5.91 -15.83 -16.82
CA ASP B 155 5.94 -16.38 -15.47
C ASP B 155 4.73 -17.26 -15.18
N LEU B 156 3.58 -16.94 -15.80
CA LEU B 156 2.40 -17.77 -15.59
C LEU B 156 2.55 -19.13 -16.25
N ALA B 157 3.11 -19.16 -17.46
CA ALA B 157 3.28 -20.43 -18.17
C ALA B 157 4.29 -21.33 -17.46
N GLY B 158 5.24 -20.75 -16.74
CA GLY B 158 6.23 -21.53 -16.01
C GLY B 158 5.85 -21.91 -14.60
N ARG B 159 4.73 -21.38 -14.09
CA ARG B 159 4.23 -21.70 -12.76
C ARG B 159 2.78 -22.15 -12.90
N PRO B 160 2.56 -23.45 -13.16
CA PRO B 160 1.18 -23.91 -13.38
C PRO B 160 0.25 -23.63 -12.22
N ASP B 161 0.75 -23.63 -10.99
CA ASP B 161 -0.08 -23.26 -9.85
C ASP B 161 -0.57 -21.83 -9.96
N LEU B 162 0.28 -20.93 -10.47
CA LEU B 162 -0.11 -19.54 -10.62
C LEU B 162 -1.02 -19.34 -11.82
N ARG B 163 -0.75 -20.04 -12.93
CA ARG B 163 -1.63 -19.99 -14.08
C ARG B 163 -3.03 -20.48 -13.72
N ALA B 164 -3.13 -21.46 -12.82
CA ALA B 164 -4.44 -21.98 -12.44
C ALA B 164 -5.20 -20.97 -11.58
N SER B 165 -4.53 -20.37 -10.60
CA SER B 165 -5.19 -19.39 -9.75
C SER B 165 -5.63 -18.16 -10.54
N PHE B 166 -4.86 -17.78 -11.56
CA PHE B 166 -5.28 -16.68 -12.42
C PHE B 166 -6.49 -17.07 -13.26
N ASP B 167 -6.45 -18.27 -13.85
CA ASP B 167 -7.60 -18.76 -14.62
C ASP B 167 -8.85 -18.82 -13.75
N SER B 168 -8.68 -19.14 -12.47
CA SER B 168 -9.82 -19.22 -11.55
C SER B 168 -10.40 -17.83 -11.30
N LEU B 169 -9.54 -16.85 -11.02
CA LEU B 169 -10.02 -15.51 -10.72
C LEU B 169 -10.79 -14.92 -11.90
N MET B 170 -10.36 -15.23 -13.12
CA MET B 170 -11.08 -14.75 -14.30
C MET B 170 -12.44 -15.40 -14.42
N THR B 171 -12.54 -16.68 -14.06
CA THR B 171 -13.79 -17.42 -14.27
C THR B 171 -14.86 -17.01 -13.27
N THR B 172 -14.47 -16.70 -12.03
CA THR B 172 -15.46 -16.26 -11.04
C THR B 172 -16.15 -14.97 -11.47
N ARG B 173 -15.43 -14.08 -12.17
CA ARG B 173 -16.03 -12.84 -12.62
C ARG B 173 -16.83 -13.03 -13.90
N GLU B 174 -16.35 -13.88 -14.81
CA GLU B 174 -17.01 -14.06 -16.10
C GLU B 174 -18.38 -14.73 -15.99
N ASP B 175 -18.69 -15.34 -14.84
CA ASP B 175 -19.92 -16.10 -14.69
C ASP B 175 -21.15 -15.22 -14.43
N THR B 176 -20.98 -13.91 -14.28
CA THR B 176 -22.11 -13.04 -13.94
C THR B 176 -22.01 -11.65 -14.57
N ALA B 177 -20.81 -11.26 -14.99
CA ALA B 177 -20.54 -9.88 -15.39
C ALA B 177 -21.08 -9.52 -16.77
N PHE B 178 -21.62 -10.48 -17.52
CA PHE B 178 -21.96 -10.24 -18.92
C PHE B 178 -23.45 -10.18 -19.20
N ALA B 179 -24.30 -10.31 -18.18
CA ALA B 179 -25.73 -10.17 -18.41
C ALA B 179 -26.09 -8.75 -18.83
N ALA B 180 -25.49 -7.74 -18.19
CA ALA B 180 -25.80 -6.37 -18.55
C ALA B 180 -25.23 -5.97 -19.91
N PRO B 181 -23.97 -6.29 -20.25
CA PRO B 181 -23.51 -6.00 -21.62
C PRO B 181 -24.31 -6.74 -22.69
N ALA B 182 -24.71 -7.98 -22.42
CA ALA B 182 -25.51 -8.73 -23.40
C ALA B 182 -26.85 -8.07 -23.65
N ALA B 183 -27.45 -7.51 -22.59
CA ALA B 183 -28.76 -6.88 -22.71
C ALA B 183 -28.70 -5.53 -23.41
N ALA B 184 -27.53 -4.91 -23.52
CA ALA B 184 -27.39 -3.58 -24.08
C ALA B 184 -27.22 -3.60 -25.61
N TYR B 185 -27.51 -4.72 -26.26
CA TYR B 185 -27.38 -4.80 -27.71
C TYR B 185 -28.51 -5.66 -28.27
N ASP B 186 -29.09 -5.20 -29.37
CA ASP B 186 -30.16 -5.93 -30.04
C ASP B 186 -29.57 -7.02 -30.93
N TRP B 187 -30.02 -8.26 -30.72
CA TRP B 187 -29.49 -9.41 -31.44
C TRP B 187 -30.49 -9.99 -32.43
N THR B 188 -31.61 -9.30 -32.68
CA THR B 188 -32.65 -9.87 -33.54
C THR B 188 -32.14 -10.08 -34.96
N ASN B 189 -31.43 -9.09 -35.50
CA ASN B 189 -30.93 -9.15 -36.88
C ASN B 189 -29.47 -9.62 -36.94
N VAL B 190 -29.05 -10.47 -36.00
CA VAL B 190 -27.69 -10.98 -35.95
C VAL B 190 -27.75 -12.49 -36.15
N ARG B 191 -26.89 -13.00 -37.04
CA ARG B 191 -26.81 -14.43 -37.32
C ARG B 191 -25.66 -15.11 -36.58
N HIS B 192 -24.45 -14.56 -36.71
CA HIS B 192 -23.27 -15.13 -36.08
C HIS B 192 -22.52 -14.04 -35.31
N VAL B 193 -21.93 -14.44 -34.20
CA VAL B 193 -21.14 -13.54 -33.35
C VAL B 193 -19.76 -14.15 -33.13
N LEU B 194 -18.72 -13.35 -33.34
CA LEU B 194 -17.35 -13.75 -33.09
C LEU B 194 -16.80 -12.94 -31.93
N ASP B 195 -16.43 -13.62 -30.85
CA ASP B 195 -15.85 -12.97 -29.68
C ASP B 195 -14.34 -13.16 -29.73
N VAL B 196 -13.62 -12.11 -30.12
CA VAL B 196 -12.16 -12.14 -30.15
C VAL B 196 -11.65 -11.91 -28.74
N GLY B 197 -10.77 -12.80 -28.28
CA GLY B 197 -10.37 -12.79 -26.88
C GLY B 197 -11.46 -13.31 -25.98
N GLY B 198 -12.14 -14.39 -26.39
CA GLY B 198 -13.35 -14.88 -25.74
C GLY B 198 -13.16 -15.31 -24.29
N ALA B 199 -11.92 -15.41 -23.82
CA ALA B 199 -11.65 -15.58 -22.39
C ALA B 199 -12.25 -16.92 -21.94
N PRO B 200 -12.66 -17.12 -20.68
CA PRO B 200 -13.48 -18.31 -20.40
C PRO B 200 -14.66 -18.51 -21.36
N GLY B 201 -15.34 -17.44 -21.76
CA GLY B 201 -16.48 -17.57 -22.64
C GLY B 201 -17.79 -17.12 -22.02
N GLY B 202 -17.68 -16.34 -20.94
CA GLY B 202 -18.88 -15.88 -20.25
C GLY B 202 -19.74 -14.95 -21.10
N PHE B 203 -19.09 -14.13 -21.92
CA PHE B 203 -19.85 -13.23 -22.81
C PHE B 203 -20.61 -14.03 -23.86
N ALA B 204 -19.91 -14.93 -24.56
CA ALA B 204 -20.58 -15.80 -25.53
C ALA B 204 -21.69 -16.61 -24.88
N ALA B 205 -21.51 -17.01 -23.62
CA ALA B 205 -22.56 -17.72 -22.90
C ALA B 205 -23.77 -16.82 -22.67
N ALA B 206 -23.54 -15.56 -22.30
CA ALA B 206 -24.65 -14.65 -22.04
C ALA B 206 -25.40 -14.30 -23.31
N ILE B 207 -24.71 -14.27 -24.46
CA ILE B 207 -25.40 -14.03 -25.73
C ILE B 207 -26.29 -15.21 -26.09
N ALA B 208 -25.84 -16.43 -25.76
CA ALA B 208 -26.62 -17.61 -26.09
C ALA B 208 -27.93 -17.63 -25.32
N ARG B 209 -27.90 -17.28 -24.04
CA ARG B 209 -29.12 -17.26 -23.24
C ARG B 209 -30.05 -16.13 -23.66
N ARG B 210 -29.48 -14.98 -24.02
CA ARG B 210 -30.29 -13.83 -24.41
C ARG B 210 -30.93 -14.03 -25.77
N ALA B 211 -30.18 -14.58 -26.73
CA ALA B 211 -30.66 -14.77 -28.10
C ALA B 211 -30.32 -16.18 -28.56
N PRO B 212 -31.23 -17.14 -28.37
CA PRO B 212 -30.93 -18.54 -28.75
C PRO B 212 -30.76 -18.76 -30.24
N HIS B 213 -31.14 -17.82 -31.08
CA HIS B 213 -31.02 -17.99 -32.52
C HIS B 213 -29.62 -17.67 -33.04
N VAL B 214 -28.73 -17.15 -32.20
CA VAL B 214 -27.42 -16.71 -32.64
C VAL B 214 -26.39 -17.82 -32.40
N SER B 215 -25.48 -17.97 -33.34
CA SER B 215 -24.32 -18.84 -33.19
C SER B 215 -23.12 -17.99 -32.78
N ALA B 216 -22.31 -18.53 -31.88
CA ALA B 216 -21.17 -17.80 -31.33
C ALA B 216 -19.90 -18.62 -31.50
N THR B 217 -18.80 -17.92 -31.74
CA THR B 217 -17.47 -18.53 -31.82
C THR B 217 -16.52 -17.74 -30.93
N VAL B 218 -15.89 -18.43 -30.00
CA VAL B 218 -14.87 -17.84 -29.14
C VAL B 218 -13.51 -18.06 -29.83
N LEU B 219 -12.87 -16.97 -30.23
CA LEU B 219 -11.55 -17.02 -30.84
C LEU B 219 -10.54 -16.62 -29.78
N GLU B 220 -9.69 -17.56 -29.39
CA GLU B 220 -8.70 -17.33 -28.35
C GLU B 220 -7.33 -17.74 -28.85
N MET B 221 -6.30 -17.36 -28.09
CA MET B 221 -4.94 -17.72 -28.42
C MET B 221 -4.62 -19.12 -27.90
N ALA B 222 -3.42 -19.60 -28.24
CA ALA B 222 -3.05 -20.99 -27.99
C ALA B 222 -3.14 -21.35 -26.51
N GLY B 223 -2.97 -20.39 -25.62
CA GLY B 223 -3.02 -20.65 -24.19
C GLY B 223 -4.43 -20.81 -23.65
N THR B 224 -5.22 -19.75 -23.71
CA THR B 224 -6.56 -19.75 -23.15
C THR B 224 -7.58 -20.49 -23.99
N VAL B 225 -7.17 -21.11 -25.11
CA VAL B 225 -8.14 -21.75 -25.99
C VAL B 225 -8.81 -22.94 -25.32
N ASP B 226 -8.13 -23.59 -24.37
CA ASP B 226 -8.69 -24.77 -23.72
C ASP B 226 -9.38 -24.46 -22.40
N THR B 227 -9.10 -23.31 -21.79
CA THR B 227 -9.91 -22.87 -20.65
C THR B 227 -11.29 -22.40 -21.10
N ALA B 228 -11.46 -22.13 -22.40
CA ALA B 228 -12.78 -21.80 -22.92
C ALA B 228 -13.59 -23.05 -23.21
N ARG B 229 -12.95 -24.10 -23.74
CA ARG B 229 -13.67 -25.34 -24.01
C ARG B 229 -14.22 -25.96 -22.74
N SER B 230 -13.42 -25.96 -21.66
CA SER B 230 -13.87 -26.57 -20.41
C SER B 230 -14.95 -25.73 -19.74
N TYR B 231 -14.93 -24.40 -19.92
CA TYR B 231 -15.92 -23.56 -19.27
C TYR B 231 -17.29 -23.72 -19.93
N LEU B 232 -17.35 -23.66 -21.26
CA LEU B 232 -18.63 -23.81 -21.93
C LEU B 232 -19.17 -25.23 -21.81
N LYS B 233 -18.28 -26.21 -21.64
CA LYS B 233 -18.73 -27.56 -21.37
C LYS B 233 -19.47 -27.64 -20.03
N ASP B 234 -18.90 -27.03 -18.99
CA ASP B 234 -19.52 -27.05 -17.67
C ASP B 234 -20.76 -26.17 -17.59
N GLU B 235 -21.00 -25.32 -18.59
CA GLU B 235 -22.23 -24.54 -18.67
C GLU B 235 -23.32 -25.24 -19.47
N GLY B 236 -23.00 -26.37 -20.10
CA GLY B 236 -23.96 -27.03 -20.97
C GLY B 236 -24.14 -26.35 -22.31
N LEU B 237 -23.10 -25.71 -22.83
CA LEU B 237 -23.17 -24.94 -24.07
C LEU B 237 -22.16 -25.42 -25.10
N SER B 238 -21.67 -26.66 -24.97
CA SER B 238 -20.66 -27.16 -25.90
C SER B 238 -21.17 -27.17 -27.33
N ASP B 239 -22.45 -27.51 -27.52
CA ASP B 239 -23.03 -27.59 -28.85
C ASP B 239 -23.59 -26.25 -29.33
N ARG B 240 -23.46 -25.19 -28.53
CA ARG B 240 -24.07 -23.91 -28.86
C ARG B 240 -23.06 -22.79 -29.10
N VAL B 241 -21.82 -22.93 -28.67
CA VAL B 241 -20.79 -21.92 -28.87
C VAL B 241 -19.52 -22.65 -29.29
N ASP B 242 -19.08 -22.42 -30.53
CA ASP B 242 -17.85 -23.05 -31.01
C ASP B 242 -16.63 -22.32 -30.47
N VAL B 243 -15.55 -23.07 -30.30
CA VAL B 243 -14.28 -22.53 -29.81
C VAL B 243 -13.22 -22.89 -30.84
N VAL B 244 -12.66 -21.89 -31.51
CA VAL B 244 -11.60 -22.09 -32.48
C VAL B 244 -10.37 -21.34 -32.02
N GLU B 245 -9.21 -21.84 -32.43
CA GLU B 245 -7.94 -21.17 -32.16
C GLU B 245 -7.64 -20.15 -33.26
N GLY B 246 -6.66 -19.30 -33.00
CA GLY B 246 -6.28 -18.31 -33.99
C GLY B 246 -5.39 -17.25 -33.39
N ASP B 247 -4.86 -16.41 -34.27
CA ASP B 247 -4.02 -15.28 -33.91
C ASP B 247 -4.76 -14.01 -34.28
N PHE B 248 -4.83 -13.06 -33.33
CA PHE B 248 -5.61 -11.85 -33.55
C PHE B 248 -5.02 -10.97 -34.66
N PHE B 249 -3.76 -11.17 -35.03
CA PHE B 249 -3.10 -10.31 -36.00
C PHE B 249 -3.19 -10.85 -37.43
N GLU B 250 -3.49 -12.13 -37.61
CA GLU B 250 -3.76 -12.71 -38.90
C GLU B 250 -5.22 -12.52 -39.29
N PRO B 251 -5.56 -12.68 -40.58
CA PRO B 251 -6.96 -12.56 -40.98
C PRO B 251 -7.85 -13.52 -40.19
N LEU B 252 -9.07 -13.06 -39.91
CA LEU B 252 -9.96 -13.86 -39.08
C LEU B 252 -10.55 -15.00 -39.88
N PRO B 253 -10.69 -16.18 -39.27
CA PRO B 253 -11.09 -17.37 -40.05
C PRO B 253 -12.51 -17.33 -40.57
N ARG B 254 -13.41 -16.59 -39.92
CA ARG B 254 -14.81 -16.55 -40.34
C ARG B 254 -15.32 -15.11 -40.31
N LYS B 255 -16.43 -14.90 -41.00
CA LYS B 255 -17.14 -13.62 -40.98
C LYS B 255 -18.30 -13.69 -40.00
N ALA B 256 -18.69 -12.52 -39.50
CA ALA B 256 -19.76 -12.45 -38.51
C ALA B 256 -20.46 -11.11 -38.60
N ASP B 257 -21.74 -11.10 -38.25
CA ASP B 257 -22.51 -9.88 -38.18
C ASP B 257 -22.23 -9.05 -36.94
N ALA B 258 -21.48 -9.59 -35.98
CA ALA B 258 -21.13 -8.87 -34.77
C ALA B 258 -19.83 -9.44 -34.23
N ILE B 259 -18.81 -8.59 -34.10
CA ILE B 259 -17.51 -8.98 -33.55
C ILE B 259 -17.33 -8.24 -32.24
N ILE B 260 -16.93 -8.98 -31.21
CA ILE B 260 -16.88 -8.48 -29.84
C ILE B 260 -15.43 -8.44 -29.37
N LEU B 261 -15.04 -7.33 -28.76
CA LEU B 261 -13.71 -7.17 -28.16
C LEU B 261 -13.92 -6.71 -26.71
N SER B 262 -14.05 -7.68 -25.80
CA SER B 262 -14.37 -7.40 -24.40
C SER B 262 -13.10 -7.51 -23.56
N PHE B 263 -12.57 -6.36 -23.17
CA PHE B 263 -11.39 -6.26 -22.31
C PHE B 263 -10.20 -7.02 -22.91
N VAL B 264 -9.88 -6.67 -24.16
CA VAL B 264 -8.72 -7.21 -24.85
C VAL B 264 -7.79 -6.11 -25.35
N LEU B 265 -8.35 -5.04 -25.94
CA LEU B 265 -7.53 -3.98 -26.49
C LEU B 265 -6.74 -3.24 -25.43
N LEU B 266 -7.18 -3.28 -24.17
CA LEU B 266 -6.45 -2.62 -23.09
C LEU B 266 -5.14 -3.32 -22.74
N ASN B 267 -4.88 -4.50 -23.31
CA ASN B 267 -3.64 -5.22 -23.06
C ASN B 267 -2.55 -4.91 -24.08
N TRP B 268 -2.91 -4.34 -25.22
CA TRP B 268 -1.99 -4.11 -26.32
C TRP B 268 -1.68 -2.62 -26.48
N PRO B 269 -0.49 -2.26 -26.97
CA PRO B 269 -0.20 -0.84 -27.23
C PRO B 269 -1.01 -0.31 -28.40
N ASP B 270 -0.85 0.98 -28.71
CA ASP B 270 -1.71 1.62 -29.70
C ASP B 270 -1.51 1.04 -31.09
N HIS B 271 -0.27 0.75 -31.47
CA HIS B 271 -0.01 0.28 -32.83
C HIS B 271 -0.49 -1.15 -33.05
N ASP B 272 -0.61 -1.95 -32.00
CA ASP B 272 -1.14 -3.30 -32.11
C ASP B 272 -2.66 -3.36 -32.03
N ALA B 273 -3.29 -2.38 -31.36
CA ALA B 273 -4.74 -2.39 -31.25
C ALA B 273 -5.42 -2.04 -32.57
N VAL B 274 -4.81 -1.17 -33.37
CA VAL B 274 -5.39 -0.83 -34.66
C VAL B 274 -5.32 -2.01 -35.62
N ARG B 275 -4.34 -2.90 -35.43
CA ARG B 275 -4.27 -4.10 -36.25
C ARG B 275 -5.40 -5.05 -35.92
N ILE B 276 -5.64 -5.29 -34.63
CA ILE B 276 -6.76 -6.13 -34.22
C ILE B 276 -8.07 -5.53 -34.68
N LEU B 277 -8.21 -4.20 -34.57
CA LEU B 277 -9.42 -3.53 -35.03
C LEU B 277 -9.55 -3.64 -36.55
N THR B 278 -8.43 -3.59 -37.27
CA THR B 278 -8.48 -3.66 -38.73
C THR B 278 -8.87 -5.06 -39.19
N ARG B 279 -8.32 -6.10 -38.56
CA ARG B 279 -8.70 -7.46 -38.90
C ARG B 279 -10.18 -7.70 -38.62
N CYS B 280 -10.69 -7.16 -37.51
CA CYS B 280 -12.12 -7.27 -37.22
C CYS B 280 -12.94 -6.56 -38.28
N ALA B 281 -12.55 -5.37 -38.66
CA ALA B 281 -13.27 -4.65 -39.68
C ALA B 281 -13.24 -5.43 -40.97
N GLU B 282 -12.14 -6.10 -41.21
CA GLU B 282 -11.99 -6.84 -42.45
C GLU B 282 -12.90 -8.04 -42.46
N ALA B 283 -13.03 -8.70 -41.32
CA ALA B 283 -13.90 -9.86 -41.22
C ALA B 283 -15.33 -9.51 -40.88
N LEU B 284 -15.66 -8.24 -40.98
CA LEU B 284 -17.00 -7.83 -40.58
C LEU B 284 -17.95 -7.95 -41.77
N GLU B 285 -19.00 -8.77 -41.61
CA GLU B 285 -20.00 -8.97 -42.66
C GLU B 285 -20.71 -7.66 -42.96
N PRO B 286 -21.40 -7.55 -44.10
CA PRO B 286 -22.06 -6.28 -44.42
C PRO B 286 -23.16 -5.96 -43.42
N GLY B 287 -23.20 -4.69 -43.01
CA GLY B 287 -24.12 -4.23 -42.00
C GLY B 287 -23.77 -4.62 -40.58
N GLY B 288 -22.64 -5.31 -40.38
CA GLY B 288 -22.25 -5.72 -39.05
C GLY B 288 -21.72 -4.58 -38.21
N ARG B 289 -21.42 -4.91 -36.95
CA ARG B 289 -20.92 -3.93 -35.99
C ARG B 289 -19.84 -4.57 -35.15
N ILE B 290 -18.86 -3.75 -34.75
CA ILE B 290 -17.80 -4.17 -33.84
C ILE B 290 -18.12 -3.61 -32.46
N LEU B 291 -18.18 -4.48 -31.46
CA LEU B 291 -18.58 -4.12 -30.11
C LEU B 291 -17.36 -4.16 -29.20
N ILE B 292 -16.99 -3.01 -28.66
CA ILE B 292 -15.88 -2.90 -27.72
C ILE B 292 -16.46 -2.77 -26.31
N HIS B 293 -16.16 -3.76 -25.46
CA HIS B 293 -16.61 -3.77 -24.08
C HIS B 293 -15.42 -3.39 -23.21
N GLU B 294 -15.39 -2.14 -22.76
CA GLU B 294 -14.31 -1.63 -21.92
C GLU B 294 -14.78 -0.31 -21.32
N ARG B 295 -13.82 0.48 -20.85
CA ARG B 295 -14.09 1.80 -20.29
C ARG B 295 -13.94 2.87 -21.37
N ALA B 296 -14.65 3.98 -21.19
CA ALA B 296 -14.63 5.11 -22.13
C ALA B 296 -14.94 6.37 -21.32
N ASP B 297 -14.00 6.73 -20.44
CA ASP B 297 -14.18 7.91 -19.59
C ASP B 297 -14.28 9.16 -20.46
N VAL B 298 -15.12 10.10 -20.01
CA VAL B 298 -15.27 11.40 -20.64
C VAL B 298 -14.89 12.45 -19.61
N GLU B 299 -14.05 13.41 -20.02
CA GLU B 299 -13.48 14.37 -19.08
C GLU B 299 -14.56 15.13 -18.29
N GLY B 300 -15.74 15.29 -18.87
CA GLY B 300 -16.79 16.07 -18.22
C GLY B 300 -17.58 15.33 -17.16
N ASP B 301 -17.84 14.04 -17.36
CA ASP B 301 -18.71 13.30 -16.46
C ASP B 301 -18.10 13.22 -15.06
N GLY B 302 -18.96 13.02 -14.07
CA GLY B 302 -18.53 12.89 -12.70
C GLY B 302 -18.50 11.45 -12.24
N ALA B 303 -18.19 10.54 -13.16
CA ALA B 303 -18.18 9.12 -12.84
C ALA B 303 -16.99 8.78 -11.94
N ASP B 304 -17.14 7.70 -11.19
CA ASP B 304 -16.09 7.25 -10.29
C ASP B 304 -14.86 6.81 -11.09
N ARG B 305 -13.70 7.36 -10.72
CA ARG B 305 -12.44 7.04 -11.38
C ARG B 305 -11.57 6.11 -10.57
N PHE B 306 -12.01 5.69 -9.38
CA PHE B 306 -11.15 4.91 -8.50
C PHE B 306 -10.83 3.55 -9.11
N PHE B 307 -11.86 2.79 -9.49
CA PHE B 307 -11.61 1.47 -10.06
C PHE B 307 -10.99 1.57 -11.44
N SER B 308 -11.31 2.62 -12.21
CA SER B 308 -10.76 2.77 -13.55
C SER B 308 -9.24 2.98 -13.50
N THR B 309 -8.77 3.91 -12.67
CA THR B 309 -7.34 4.14 -12.56
C THR B 309 -6.64 2.96 -11.90
N LEU B 310 -7.31 2.24 -11.00
CA LEU B 310 -6.76 1.01 -10.45
C LEU B 310 -6.44 0.02 -11.58
N LEU B 311 -7.43 -0.24 -12.44
CA LEU B 311 -7.19 -1.11 -13.58
C LEU B 311 -6.15 -0.52 -14.51
N ASP B 312 -6.21 0.79 -14.75
CA ASP B 312 -5.28 1.44 -15.67
C ASP B 312 -3.84 1.32 -15.16
N LEU B 313 -3.63 1.59 -13.88
CA LEU B 313 -2.27 1.50 -13.33
C LEU B 313 -1.82 0.05 -13.19
N ARG B 314 -2.76 -0.87 -12.96
CA ARG B 314 -2.41 -2.29 -13.01
C ARG B 314 -1.88 -2.67 -14.38
N MET B 315 -2.59 -2.26 -15.44
CA MET B 315 -2.13 -2.53 -16.80
C MET B 315 -0.74 -1.99 -17.05
N LEU B 316 -0.41 -0.86 -16.43
CA LEU B 316 0.91 -0.25 -16.63
C LEU B 316 2.02 -1.11 -16.03
N VAL B 317 1.87 -1.51 -14.77
CA VAL B 317 2.92 -2.27 -14.10
C VAL B 317 2.88 -3.77 -14.39
N PHE B 318 1.72 -4.31 -14.80
CA PHE B 318 1.63 -5.72 -15.15
C PHE B 318 2.15 -5.98 -16.55
N LEU B 319 1.56 -5.31 -17.54
CA LEU B 319 1.80 -5.61 -18.95
C LEU B 319 2.22 -4.41 -19.78
N GLY B 320 1.99 -3.19 -19.34
CA GLY B 320 2.24 -2.02 -20.15
C GLY B 320 1.04 -1.50 -20.91
N GLY B 321 -0.10 -2.19 -20.84
CA GLY B 321 -1.30 -1.72 -21.49
C GLY B 321 -1.86 -0.48 -20.81
N ALA B 322 -3.03 -0.06 -21.29
CA ALA B 322 -3.64 1.16 -20.79
C ALA B 322 -5.12 1.17 -21.13
N LEU B 323 -5.88 1.92 -20.34
CA LEU B 323 -7.25 2.25 -20.69
C LEU B 323 -7.26 3.40 -21.68
N ARG B 324 -8.42 3.60 -22.32
CA ARG B 324 -8.56 4.63 -23.35
C ARG B 324 -9.85 5.40 -23.11
N THR B 325 -9.76 6.73 -23.16
CA THR B 325 -10.93 7.59 -23.06
C THR B 325 -11.70 7.56 -24.37
N ARG B 326 -12.89 8.17 -24.35
CA ARG B 326 -13.72 8.22 -25.55
C ARG B 326 -13.02 8.97 -26.68
N GLU B 327 -12.19 9.96 -26.35
CA GLU B 327 -11.49 10.72 -27.39
C GLU B 327 -10.42 9.88 -28.06
N LYS B 328 -9.67 9.10 -27.28
CA LYS B 328 -8.64 8.24 -27.87
C LYS B 328 -9.26 7.12 -28.70
N TRP B 329 -10.44 6.63 -28.30
CA TRP B 329 -11.11 5.60 -29.09
C TRP B 329 -11.47 6.10 -30.48
N ASP B 330 -11.82 7.39 -30.59
CA ASP B 330 -12.11 7.97 -31.90
C ASP B 330 -10.88 7.96 -32.79
N GLY B 331 -9.70 8.18 -32.20
CA GLY B 331 -8.47 8.10 -32.97
C GLY B 331 -8.17 6.67 -33.42
N LEU B 332 -8.32 5.71 -32.51
CA LEU B 332 -8.11 4.32 -32.87
C LEU B 332 -9.10 3.86 -33.93
N ALA B 333 -10.37 4.21 -33.76
CA ALA B 333 -11.39 3.80 -34.72
C ALA B 333 -11.12 4.37 -36.10
N ALA B 334 -10.85 5.68 -36.16
CA ALA B 334 -10.60 6.33 -37.45
C ALA B 334 -9.37 5.75 -38.14
N SER B 335 -8.39 5.27 -37.37
CA SER B 335 -7.20 4.66 -37.93
C SER B 335 -7.45 3.27 -38.49
N ALA B 336 -8.56 2.63 -38.12
CA ALA B 336 -8.92 1.32 -38.64
C ALA B 336 -10.06 1.39 -39.64
N GLY B 337 -10.29 2.55 -40.24
CA GLY B 337 -11.43 2.72 -41.13
C GLY B 337 -12.76 2.57 -40.43
N LEU B 338 -12.80 2.83 -39.13
CA LEU B 338 -13.99 2.63 -38.32
C LEU B 338 -14.42 3.96 -37.70
N VAL B 339 -15.65 4.00 -37.21
CA VAL B 339 -16.20 5.19 -36.56
C VAL B 339 -16.96 4.74 -35.31
N VAL B 340 -16.71 5.40 -34.19
CA VAL B 340 -17.44 5.10 -32.96
C VAL B 340 -18.86 5.65 -33.11
N GLU B 341 -19.82 4.75 -33.32
CA GLU B 341 -21.20 5.16 -33.52
C GLU B 341 -21.82 5.67 -32.22
N GLU B 342 -21.59 4.97 -31.12
CA GLU B 342 -22.41 5.15 -29.93
C GLU B 342 -21.77 4.40 -28.77
N VAL B 343 -21.78 5.02 -27.60
CA VAL B 343 -21.32 4.39 -26.37
C VAL B 343 -22.53 4.16 -25.48
N ARG B 344 -22.89 2.89 -25.28
CA ARG B 344 -24.05 2.56 -24.48
C ARG B 344 -23.76 2.74 -23.00
N GLY B 345 -24.73 3.31 -22.28
CA GLY B 345 -24.55 3.83 -20.95
C GLY B 345 -23.98 2.86 -19.92
N PRO B 346 -23.77 3.35 -18.70
CA PRO B 346 -23.03 2.57 -17.70
C PRO B 346 -23.62 1.19 -17.47
N LEU B 347 -22.77 0.17 -17.60
CA LEU B 347 -23.15 -1.22 -17.40
C LEU B 347 -22.79 -1.62 -15.97
N VAL B 348 -23.80 -1.99 -15.19
CA VAL B 348 -23.64 -2.32 -13.78
C VAL B 348 -23.91 -3.81 -13.60
N SER B 349 -23.01 -4.48 -12.89
CA SER B 349 -23.14 -5.90 -12.60
C SER B 349 -22.99 -6.14 -11.11
N PRO B 350 -23.72 -7.14 -10.55
CA PRO B 350 -23.83 -7.28 -9.09
C PRO B 350 -22.53 -7.19 -8.31
N ASN B 351 -21.61 -8.12 -8.53
CA ASN B 351 -20.36 -8.17 -7.76
C ASN B 351 -19.15 -7.75 -8.59
N VAL B 352 -19.34 -6.81 -9.52
CA VAL B 352 -18.27 -6.30 -10.35
C VAL B 352 -18.06 -4.83 -9.98
N PRO B 353 -16.93 -4.47 -9.37
CA PRO B 353 -16.78 -3.09 -8.87
C PRO B 353 -16.68 -2.05 -9.97
N LEU B 354 -16.07 -2.37 -11.10
CA LEU B 354 -15.86 -1.41 -12.18
C LEU B 354 -17.03 -1.46 -13.16
N ASP B 355 -17.74 -0.35 -13.29
CA ASP B 355 -18.77 -0.25 -14.32
C ASP B 355 -18.12 -0.08 -15.69
N SER B 356 -18.71 -0.68 -16.71
CA SER B 356 -18.14 -0.74 -18.04
C SER B 356 -19.07 -0.07 -19.05
N CYS B 357 -18.61 0.00 -20.29
CA CYS B 357 -19.37 0.58 -21.38
C CYS B 357 -19.30 -0.34 -22.60
N LEU B 358 -20.22 -0.14 -23.52
CA LEU B 358 -20.25 -0.87 -24.79
C LEU B 358 -20.14 0.14 -25.93
N LEU B 359 -19.05 0.06 -26.68
CA LEU B 359 -18.84 0.92 -27.84
C LEU B 359 -19.27 0.20 -29.11
N VAL B 360 -20.03 0.88 -29.94
CA VAL B 360 -20.50 0.34 -31.22
C VAL B 360 -19.70 1.02 -32.33
N LEU B 361 -19.00 0.22 -33.12
CA LEU B 361 -18.09 0.72 -34.14
C LEU B 361 -18.55 0.27 -35.51
N ALA B 362 -18.71 1.21 -36.42
CA ALA B 362 -19.13 1.00 -37.79
C ALA B 362 -18.00 1.40 -38.74
N PRO B 363 -18.03 0.92 -40.01
CA PRO B 363 -16.96 1.32 -40.94
C PRO B 363 -16.98 2.81 -41.29
#